data_1GEU
#
_entry.id   1GEU
#
_cell.length_a   120.500
_cell.length_b   72.500
_cell.length_c   60.800
_cell.angle_alpha   90.00
_cell.angle_beta   90.00
_cell.angle_gamma   82.80
#
_symmetry.space_group_name_H-M   'P 1 1 21'
#
loop_
_entity.id
_entity.type
_entity.pdbx_description
1 polymer 'GLUTATHIONE REDUCTASE'
2 non-polymer 'FLAVIN-ADENINE DINUCLEOTIDE'
3 non-polymer NICOTINAMIDE-ADENINE-DINUCLEOTIDE
4 water water
#
_entity_poly.entity_id   1
_entity_poly.type   'polypeptide(L)'
_entity_poly.pdbx_seq_one_letter_code
;MTKHYDYIAIGGGSGGIASINRAAMYGQKCALIEAKELGGTCVNVGCVPKKVMWHAAQIREAIHMYGPDYGFDTTINKFN
WETLIASRTAYIDRIHTSYENVLGKNNVDVIKGFARFVDAKTLEVNGETITADHILIATGGRPSHPDIPGVEYGIDSDGF
FALPALPERVAVVGAGYIGVELGGVINGLGAKTHLFEMFDAPLPSFDPMISETLVEVMNAEGPQLHTNAIPKAVVKNTDG
SLTLELEDGRSETVDCLIWAIGREPANDNINLEAAGVKTNEKGYIVVDKYQNTNIEGIYAVGDNTGAVELTPVAVAAGRR
LSERLFNNKPDEHLDYSNIPTVVFSHPPIGTVGLTEPQAREQYGDDQVKVYKSSFTAMYTAVTTHRQPCRMKLVCVGSEE
KIVGIHGIGFGMDEMLQGFAVALKMGATKKDFDNTVAIHPTAAEEFVTMR
;
_entity_poly.pdbx_strand_id   A,B
#
loop_
_chem_comp.id
_chem_comp.type
_chem_comp.name
_chem_comp.formula
FAD non-polymer 'FLAVIN-ADENINE DINUCLEOTIDE' 'C27 H33 N9 O15 P2'
NAD non-polymer NICOTINAMIDE-ADENINE-DINUCLEOTIDE 'C21 H27 N7 O14 P2'
#
# COMPACT_ATOMS: atom_id res chain seq x y z
N LYS A 3 -5.63 47.63 8.66
CA LYS A 3 -4.77 46.89 9.58
C LYS A 3 -3.45 46.55 8.88
N HIS A 4 -2.28 46.42 9.53
CA HIS A 4 -1.02 46.04 8.89
C HIS A 4 -0.49 44.66 9.33
N TYR A 5 -0.04 43.85 8.36
CA TYR A 5 0.52 42.53 8.60
C TYR A 5 1.88 42.43 7.99
N ASP A 6 2.62 41.44 8.44
CA ASP A 6 3.92 41.13 7.91
C ASP A 6 3.80 40.31 6.64
N TYR A 7 2.77 39.47 6.59
CA TYR A 7 2.56 38.49 5.55
C TYR A 7 1.08 38.20 5.49
N ILE A 8 0.48 38.15 4.31
CA ILE A 8 -0.91 37.84 4.07
C ILE A 8 -0.92 36.84 2.92
N ALA A 9 -1.68 35.76 3.08
CA ALA A 9 -1.93 34.81 2.02
C ALA A 9 -3.32 35.06 1.47
N ILE A 10 -3.46 35.31 0.18
CA ILE A 10 -4.77 35.37 -0.46
C ILE A 10 -5.12 33.95 -0.85
N GLY A 11 -6.04 33.30 -0.19
CA GLY A 11 -6.44 31.95 -0.53
C GLY A 11 -6.18 31.06 0.65
N GLY A 12 -7.19 30.34 1.14
CA GLY A 12 -7.01 29.48 2.29
C GLY A 12 -6.99 28.05 1.79
N GLY A 13 -6.32 27.75 0.68
CA GLY A 13 -6.31 26.40 0.16
C GLY A 13 -5.06 25.69 0.58
N SER A 14 -4.65 24.66 -0.18
CA SER A 14 -3.46 23.88 0.17
C SER A 14 -2.18 24.72 0.35
N GLY A 15 -1.94 25.61 -0.61
CA GLY A 15 -0.79 26.51 -0.63
C GLY A 15 -0.87 27.60 0.44
N GLY A 16 -1.92 28.42 0.44
CA GLY A 16 -2.14 29.47 1.47
C GLY A 16 -2.00 28.95 2.89
N ILE A 17 -2.65 27.85 3.27
CA ILE A 17 -2.53 27.39 4.66
C ILE A 17 -1.13 26.94 5.04
N ALA A 18 -0.41 26.33 4.10
CA ALA A 18 0.85 25.77 4.48
C ALA A 18 1.87 26.88 4.66
N SER A 19 1.90 27.82 3.75
CA SER A 19 2.84 28.93 3.79
C SER A 19 2.58 29.80 5.05
N ILE A 20 1.33 30.23 5.30
CA ILE A 20 1.07 31.06 6.46
C ILE A 20 1.39 30.40 7.80
N ASN A 21 1.06 29.13 8.08
CA ASN A 21 1.33 28.56 9.40
C ASN A 21 2.83 28.43 9.57
N ARG A 22 3.60 28.24 8.47
CA ARG A 22 5.03 28.15 8.59
C ARG A 22 5.57 29.53 8.93
N ALA A 23 5.04 30.58 8.31
CA ALA A 23 5.47 31.96 8.53
C ALA A 23 5.22 32.38 9.97
N ALA A 24 4.05 32.02 10.49
CA ALA A 24 3.64 32.26 11.86
C ALA A 24 4.57 31.54 12.78
N MET A 25 5.16 30.39 12.46
CA MET A 25 6.13 29.79 13.38
C MET A 25 7.39 30.62 13.49
N TYR A 26 7.68 31.61 12.62
CA TYR A 26 8.91 32.36 12.76
C TYR A 26 8.65 33.75 13.32
N GLY A 27 7.57 33.96 14.07
CA GLY A 27 7.31 35.25 14.66
C GLY A 27 6.77 36.27 13.68
N GLN A 28 6.19 35.94 12.53
CA GLN A 28 5.60 36.94 11.65
C GLN A 28 4.11 37.06 12.00
N LYS A 29 3.56 38.24 11.72
CA LYS A 29 2.17 38.61 11.98
C LYS A 29 1.42 38.31 10.68
N CYS A 30 0.60 37.28 10.64
CA CYS A 30 0.02 36.78 9.39
C CYS A 30 -1.49 36.86 9.30
N ALA A 31 -2.07 37.08 8.13
CA ALA A 31 -3.52 36.98 7.96
C ALA A 31 -3.82 36.05 6.75
N LEU A 32 -4.80 35.18 6.83
CA LEU A 32 -5.17 34.27 5.79
C LEU A 32 -6.52 34.76 5.28
N ILE A 33 -6.69 35.06 4.01
CA ILE A 33 -7.97 35.52 3.48
C ILE A 33 -8.59 34.41 2.65
N GLU A 34 -9.87 34.13 2.83
CA GLU A 34 -10.60 33.06 2.15
C GLU A 34 -12.07 33.44 1.97
N ALA A 35 -12.47 33.43 0.70
CA ALA A 35 -13.81 33.77 0.28
C ALA A 35 -14.90 32.77 0.63
N LYS A 36 -14.56 31.48 0.56
CA LYS A 36 -15.44 30.34 0.77
C LYS A 36 -15.06 29.47 1.94
N GLU A 37 -14.46 28.28 1.81
CA GLU A 37 -14.21 27.43 2.99
C GLU A 37 -12.76 27.06 3.16
N LEU A 38 -12.30 26.86 4.37
CA LEU A 38 -10.94 26.46 4.57
C LEU A 38 -10.71 25.10 3.95
N GLY A 39 -9.55 24.98 3.31
CA GLY A 39 -9.14 23.72 2.76
C GLY A 39 -9.03 23.85 1.24
N GLY A 40 -9.65 24.83 0.63
CA GLY A 40 -9.56 25.01 -0.80
C GLY A 40 -10.24 23.86 -1.57
N THR A 41 -9.77 23.66 -2.82
CA THR A 41 -10.29 22.59 -3.62
C THR A 41 -9.96 21.27 -2.92
N CYS A 42 -8.79 21.05 -2.32
CA CYS A 42 -8.49 19.79 -1.68
C CYS A 42 -9.48 19.27 -0.62
N VAL A 43 -9.90 20.03 0.35
CA VAL A 43 -10.75 19.46 1.39
C VAL A 43 -12.18 19.34 0.94
N ASN A 44 -12.57 20.34 0.16
CA ASN A 44 -13.95 20.61 -0.11
C ASN A 44 -14.54 19.97 -1.36
N VAL A 45 -13.82 20.07 -2.48
CA VAL A 45 -14.33 19.52 -3.73
C VAL A 45 -13.17 18.87 -4.47
N GLY A 46 -12.27 18.21 -3.75
CA GLY A 46 -11.11 17.65 -4.41
C GLY A 46 -10.75 16.31 -3.82
N CYS A 47 -9.44 16.17 -3.51
CA CYS A 47 -8.78 14.96 -3.02
C CYS A 47 -9.56 14.25 -1.95
N VAL A 48 -10.04 14.94 -0.88
CA VAL A 48 -10.65 14.23 0.25
C VAL A 48 -12.05 13.64 -0.06
N PRO A 49 -13.06 14.37 -0.56
CA PRO A 49 -14.33 13.78 -0.87
C PRO A 49 -14.24 12.78 -2.01
N LYS A 50 -13.29 12.93 -2.96
CA LYS A 50 -13.05 12.00 -4.05
C LYS A 50 -12.63 10.64 -3.50
N LYS A 51 -11.72 10.63 -2.54
CA LYS A 51 -11.25 9.40 -1.94
C LYS A 51 -12.27 8.62 -1.14
N VAL A 52 -13.20 9.33 -0.49
CA VAL A 52 -14.31 8.71 0.25
C VAL A 52 -15.15 8.05 -0.80
N MET A 53 -15.40 8.74 -1.91
CA MET A 53 -16.17 8.19 -3.02
C MET A 53 -15.53 6.97 -3.66
N TRP A 54 -14.20 6.95 -3.69
CA TRP A 54 -13.42 5.83 -4.22
C TRP A 54 -13.51 4.64 -3.28
N HIS A 55 -13.47 4.92 -1.98
CA HIS A 55 -13.64 3.88 -1.01
C HIS A 55 -15.09 3.38 -1.10
N ALA A 56 -16.09 4.20 -1.35
CA ALA A 56 -17.45 3.71 -1.56
C ALA A 56 -17.50 2.75 -2.76
N ALA A 57 -16.93 3.08 -3.91
CA ALA A 57 -16.95 2.20 -5.07
C ALA A 57 -16.26 0.88 -4.81
N GLN A 58 -15.19 0.92 -4.06
CA GLN A 58 -14.46 -0.31 -3.74
C GLN A 58 -15.25 -1.23 -2.87
N ILE A 59 -16.05 -0.70 -1.95
CA ILE A 59 -16.86 -1.51 -1.06
C ILE A 59 -17.94 -2.15 -1.92
N ARG A 60 -18.58 -1.41 -2.85
CA ARG A 60 -19.58 -1.98 -3.71
C ARG A 60 -18.97 -3.04 -4.62
N GLU A 61 -17.76 -2.84 -5.17
CA GLU A 61 -17.08 -3.81 -6.03
C GLU A 61 -16.79 -5.10 -5.25
N ALA A 62 -16.33 -4.97 -4.00
CA ALA A 62 -16.08 -6.10 -3.11
C ALA A 62 -17.32 -6.96 -2.85
N ILE A 63 -18.49 -6.35 -2.69
CA ILE A 63 -19.75 -7.00 -2.37
C ILE A 63 -20.24 -7.69 -3.64
N HIS A 64 -20.35 -6.84 -4.62
CA HIS A 64 -21.00 -7.18 -5.85
C HIS A 64 -20.15 -7.89 -6.87
N MET A 65 -18.94 -7.44 -7.13
CA MET A 65 -18.09 -8.05 -8.12
C MET A 65 -17.16 -9.14 -7.60
N TYR A 66 -16.53 -9.06 -6.42
CA TYR A 66 -15.63 -10.12 -6.03
C TYR A 66 -16.15 -11.05 -4.93
N GLY A 67 -17.06 -10.60 -4.06
CA GLY A 67 -17.59 -11.40 -2.97
C GLY A 67 -18.19 -12.72 -3.40
N PRO A 68 -18.96 -12.91 -4.48
CA PRO A 68 -19.53 -14.23 -4.80
C PRO A 68 -18.43 -15.28 -4.97
N ASP A 69 -17.30 -15.02 -5.60
CA ASP A 69 -16.20 -15.98 -5.73
C ASP A 69 -15.51 -16.36 -4.47
N TYR A 70 -15.46 -15.48 -3.49
CA TYR A 70 -14.96 -15.79 -2.16
C TYR A 70 -16.11 -16.42 -1.34
N GLY A 71 -17.33 -16.57 -1.87
CA GLY A 71 -18.41 -17.31 -1.23
C GLY A 71 -19.46 -16.48 -0.51
N PHE A 72 -19.65 -15.21 -0.79
CA PHE A 72 -20.60 -14.37 -0.07
C PHE A 72 -21.63 -14.07 -1.09
N ASP A 73 -22.84 -14.49 -0.75
CA ASP A 73 -24.00 -14.31 -1.61
C ASP A 73 -24.71 -13.28 -0.79
N THR A 74 -24.69 -12.08 -1.34
CA THR A 74 -25.21 -10.92 -0.68
C THR A 74 -26.30 -10.23 -1.51
N THR A 75 -27.24 -9.50 -0.92
CA THR A 75 -28.18 -8.68 -1.69
C THR A 75 -27.92 -7.27 -1.22
N ILE A 76 -27.67 -6.26 -2.04
CA ILE A 76 -27.61 -4.87 -1.59
C ILE A 76 -29.08 -4.53 -1.58
N ASN A 77 -29.71 -4.54 -0.41
CA ASN A 77 -31.13 -4.18 -0.32
C ASN A 77 -31.43 -2.81 -0.85
N LYS A 78 -30.56 -1.91 -0.38
CA LYS A 78 -30.69 -0.51 -0.69
C LYS A 78 -29.32 0.16 -0.64
N PHE A 79 -29.04 1.04 -1.60
CA PHE A 79 -27.88 1.92 -1.51
C PHE A 79 -28.42 3.31 -1.17
N ASN A 80 -28.11 3.84 0.02
CA ASN A 80 -28.59 5.16 0.43
C ASN A 80 -27.56 6.25 0.27
N TRP A 81 -27.65 6.94 -0.87
CA TRP A 81 -26.75 8.04 -1.23
C TRP A 81 -26.72 9.10 -0.15
N GLU A 82 -27.86 9.44 0.49
CA GLU A 82 -27.96 10.46 1.51
C GLU A 82 -27.09 10.04 2.70
N THR A 83 -27.08 8.75 3.12
CA THR A 83 -26.21 8.33 4.23
C THR A 83 -24.75 8.59 3.90
N LEU A 84 -24.29 8.17 2.71
CA LEU A 84 -22.92 8.35 2.29
C LEU A 84 -22.54 9.84 2.31
N ILE A 85 -23.37 10.75 1.77
CA ILE A 85 -23.07 12.16 1.71
C ILE A 85 -23.05 12.80 3.09
N ALA A 86 -24.05 12.52 3.94
CA ALA A 86 -24.06 12.98 5.34
C ALA A 86 -22.75 12.53 6.00
N SER A 87 -22.46 11.22 6.00
CA SER A 87 -21.19 10.70 6.50
C SER A 87 -19.96 11.39 5.92
N ARG A 88 -19.92 11.79 4.64
CA ARG A 88 -18.79 12.39 3.99
C ARG A 88 -18.64 13.86 4.39
N THR A 89 -19.79 14.52 4.36
CA THR A 89 -19.90 15.91 4.69
C THR A 89 -19.46 16.11 6.15
N ALA A 90 -19.84 15.22 7.07
CA ALA A 90 -19.56 15.34 8.47
C ALA A 90 -18.08 15.24 8.71
N TYR A 91 -17.43 14.34 7.94
CA TYR A 91 -15.98 14.16 7.97
C TYR A 91 -15.32 15.49 7.60
N ILE A 92 -15.78 16.08 6.52
CA ILE A 92 -15.22 17.31 6.07
C ILE A 92 -15.42 18.45 7.08
N ASP A 93 -16.53 18.49 7.82
CA ASP A 93 -16.75 19.50 8.86
C ASP A 93 -15.81 19.29 10.03
N ARG A 94 -15.52 18.03 10.30
CA ARG A 94 -14.51 17.72 11.27
C ARG A 94 -13.17 18.27 10.82
N ILE A 95 -12.69 18.01 9.59
CA ILE A 95 -11.42 18.59 9.09
C ILE A 95 -11.36 20.12 9.19
N HIS A 96 -12.41 20.84 8.79
CA HIS A 96 -12.48 22.29 8.93
C HIS A 96 -12.27 22.76 10.40
N THR A 97 -12.73 22.02 11.41
CA THR A 97 -12.59 22.41 12.80
C THR A 97 -11.13 22.29 13.18
N SER A 98 -10.36 21.30 12.71
CA SER A 98 -8.95 21.15 12.98
C SER A 98 -8.20 22.32 12.35
N TYR A 99 -8.55 22.65 11.10
CA TYR A 99 -7.91 23.75 10.43
C TYR A 99 -8.04 25.07 11.14
N GLU A 100 -9.23 25.41 11.66
CA GLU A 100 -9.40 26.63 12.40
C GLU A 100 -8.52 26.56 13.61
N ASN A 101 -8.47 25.37 14.23
CA ASN A 101 -7.72 25.18 15.45
C ASN A 101 -6.23 25.45 15.35
N VAL A 102 -5.60 25.00 14.26
CA VAL A 102 -4.19 25.20 13.95
C VAL A 102 -3.89 26.68 13.71
N LEU A 103 -4.66 27.34 12.87
CA LEU A 103 -4.43 28.72 12.56
C LEU A 103 -4.55 29.60 13.80
N GLY A 104 -5.50 29.26 14.67
CA GLY A 104 -5.76 29.99 15.88
C GLY A 104 -4.62 29.87 16.85
N LYS A 105 -4.10 28.65 17.06
CA LYS A 105 -2.97 28.44 17.95
C LYS A 105 -1.74 29.16 17.45
N ASN A 106 -1.67 29.31 16.12
CA ASN A 106 -0.56 30.01 15.48
C ASN A 106 -0.79 31.49 15.40
N ASN A 107 -1.95 31.95 15.88
CA ASN A 107 -2.28 33.37 15.90
C ASN A 107 -2.49 34.06 14.56
N VAL A 108 -2.99 33.27 13.61
CA VAL A 108 -3.23 33.77 12.28
C VAL A 108 -4.58 34.44 12.30
N ASP A 109 -4.69 35.62 11.72
CA ASP A 109 -5.99 36.23 11.51
C ASP A 109 -6.69 35.62 10.28
N VAL A 110 -7.82 34.93 10.43
CA VAL A 110 -8.45 34.45 9.21
C VAL A 110 -9.48 35.49 8.84
N ILE A 111 -9.56 35.94 7.61
CA ILE A 111 -10.55 36.93 7.24
C ILE A 111 -11.36 36.23 6.14
N LYS A 112 -12.66 36.17 6.37
CA LYS A 112 -13.55 35.52 5.46
C LYS A 112 -13.98 36.60 4.48
N GLY A 113 -13.64 36.51 3.19
CA GLY A 113 -14.00 37.53 2.22
C GLY A 113 -13.15 37.29 1.00
N PHE A 114 -13.43 38.03 -0.09
CA PHE A 114 -12.72 37.94 -1.40
C PHE A 114 -11.86 39.19 -1.51
N ALA A 115 -10.56 38.99 -1.68
CA ALA A 115 -9.62 40.08 -1.63
C ALA A 115 -9.30 40.52 -3.01
N ARG A 116 -8.95 41.79 -3.08
CA ARG A 116 -8.63 42.42 -4.34
C ARG A 116 -7.47 43.36 -4.11
N PHE A 117 -6.58 43.55 -5.08
CA PHE A 117 -5.49 44.47 -4.93
C PHE A 117 -5.94 45.88 -5.19
N VAL A 118 -5.37 46.76 -4.38
CA VAL A 118 -5.53 48.19 -4.49
C VAL A 118 -4.26 48.63 -5.16
N ASP A 119 -3.14 48.10 -4.69
CA ASP A 119 -1.86 48.31 -5.32
C ASP A 119 -1.02 47.17 -4.77
N ALA A 120 0.25 47.16 -5.10
CA ALA A 120 1.20 46.15 -4.69
C ALA A 120 1.27 45.78 -3.24
N LYS A 121 0.88 46.67 -2.35
CA LYS A 121 1.01 46.36 -0.95
C LYS A 121 -0.30 46.56 -0.23
N THR A 122 -1.36 46.74 -1.01
CA THR A 122 -2.62 47.06 -0.37
C THR A 122 -3.76 46.20 -0.95
N LEU A 123 -4.65 45.75 -0.06
CA LEU A 123 -5.70 44.82 -0.38
C LEU A 123 -7.02 45.35 0.16
N GLU A 124 -8.14 45.25 -0.54
CA GLU A 124 -9.42 45.64 0.03
C GLU A 124 -10.14 44.31 0.23
N VAL A 125 -10.80 44.10 1.37
CA VAL A 125 -11.57 42.87 1.65
C VAL A 125 -12.75 43.35 2.48
N ASN A 126 -13.99 42.98 2.12
CA ASN A 126 -15.19 43.37 2.88
C ASN A 126 -15.31 44.85 3.23
N GLY A 127 -14.81 45.73 2.35
CA GLY A 127 -14.82 47.14 2.65
C GLY A 127 -13.57 47.56 3.44
N GLU A 128 -12.92 46.68 4.17
CA GLU A 128 -11.70 47.00 4.89
C GLU A 128 -10.48 47.07 3.96
N THR A 129 -9.50 47.91 4.25
CA THR A 129 -8.21 47.92 3.56
C THR A 129 -7.24 47.29 4.55
N ILE A 130 -6.44 46.33 4.12
CA ILE A 130 -5.41 45.79 4.98
C ILE A 130 -4.11 45.92 4.19
N THR A 131 -2.95 46.00 4.81
CA THR A 131 -1.71 46.21 4.08
C THR A 131 -0.65 45.27 4.65
N ALA A 132 0.34 44.89 3.81
CA ALA A 132 1.46 44.04 4.19
C ALA A 132 2.67 44.21 3.29
N ASP A 133 3.79 43.65 3.75
CA ASP A 133 5.04 43.75 3.00
C ASP A 133 5.29 42.56 2.10
N HIS A 134 4.72 41.42 2.43
CA HIS A 134 4.89 40.21 1.65
C HIS A 134 3.48 39.74 1.43
N ILE A 135 3.02 39.44 0.22
CA ILE A 135 1.65 38.98 -0.03
C ILE A 135 1.82 37.78 -0.94
N LEU A 136 1.23 36.66 -0.54
CA LEU A 136 1.28 35.44 -1.34
C LEU A 136 -0.06 35.36 -2.07
N ILE A 137 -0.17 35.23 -3.38
CA ILE A 137 -1.47 35.03 -4.05
C ILE A 137 -1.60 33.50 -4.18
N ALA A 138 -2.40 32.82 -3.41
CA ALA A 138 -2.60 31.39 -3.63
C ALA A 138 -4.06 31.09 -3.94
N THR A 139 -4.56 31.63 -5.05
CA THR A 139 -5.99 31.50 -5.42
C THR A 139 -6.46 30.27 -6.19
N GLY A 140 -5.56 29.36 -6.57
CA GLY A 140 -5.89 28.10 -7.24
C GLY A 140 -6.63 28.26 -8.56
N GLY A 141 -7.43 27.29 -8.98
CA GLY A 141 -8.05 27.37 -10.28
C GLY A 141 -9.51 26.98 -10.18
N ARG A 142 -10.14 26.73 -11.30
CA ARG A 142 -11.56 26.30 -11.33
C ARG A 142 -11.77 25.47 -12.59
N PRO A 143 -12.86 24.68 -12.76
CA PRO A 143 -13.11 23.89 -13.95
C PRO A 143 -13.24 24.67 -15.24
N SER A 144 -12.67 24.22 -16.38
CA SER A 144 -12.96 24.84 -17.66
C SER A 144 -14.22 24.17 -18.25
N HIS A 145 -14.89 24.79 -19.22
CA HIS A 145 -16.14 24.33 -19.81
C HIS A 145 -15.98 24.60 -21.27
N PRO A 146 -16.42 23.77 -22.20
CA PRO A 146 -16.20 24.02 -23.61
C PRO A 146 -17.10 25.12 -24.18
N ASP A 147 -16.72 25.77 -25.27
CA ASP A 147 -17.59 26.77 -25.80
C ASP A 147 -18.40 26.15 -26.94
N ILE A 148 -19.48 25.45 -26.57
CA ILE A 148 -20.31 24.72 -27.51
C ILE A 148 -21.80 24.85 -27.20
N PRO A 149 -22.75 24.68 -28.11
CA PRO A 149 -24.17 24.73 -27.82
C PRO A 149 -24.59 23.74 -26.74
N GLY A 150 -25.25 24.20 -25.69
CA GLY A 150 -25.77 23.30 -24.67
C GLY A 150 -24.78 22.97 -23.57
N VAL A 151 -23.67 23.72 -23.48
CA VAL A 151 -22.66 23.39 -22.47
C VAL A 151 -23.18 23.53 -21.06
N GLU A 152 -24.16 24.40 -20.93
CA GLU A 152 -24.71 24.66 -19.63
C GLU A 152 -25.61 23.51 -19.19
N TYR A 153 -25.82 22.45 -19.98
CA TYR A 153 -26.53 21.29 -19.46
C TYR A 153 -25.59 20.38 -18.68
N GLY A 154 -24.28 20.46 -18.86
CA GLY A 154 -23.36 19.59 -18.13
C GLY A 154 -22.87 20.25 -16.85
N ILE A 155 -22.39 19.48 -15.89
CA ILE A 155 -21.85 19.97 -14.63
C ILE A 155 -20.35 19.79 -14.70
N ASP A 156 -19.57 20.18 -13.71
CA ASP A 156 -18.12 19.97 -13.71
C ASP A 156 -17.75 19.26 -12.40
N SER A 157 -16.51 19.07 -11.91
CA SER A 157 -16.32 18.24 -10.73
C SER A 157 -16.96 18.83 -9.48
N ASP A 158 -17.22 20.16 -9.41
CA ASP A 158 -17.83 20.80 -8.23
C ASP A 158 -19.26 20.32 -8.14
N GLY A 159 -19.98 20.42 -9.27
CA GLY A 159 -21.28 19.83 -9.40
C GLY A 159 -21.32 18.35 -9.02
N PHE A 160 -20.25 17.57 -9.25
CA PHE A 160 -20.31 16.18 -8.90
C PHE A 160 -20.49 16.05 -7.39
N PHE A 161 -19.70 16.84 -6.65
CA PHE A 161 -19.78 16.69 -5.20
C PHE A 161 -21.10 17.23 -4.64
N ALA A 162 -21.91 17.96 -5.41
CA ALA A 162 -23.21 18.46 -4.99
C ALA A 162 -24.32 17.58 -5.56
N LEU A 163 -24.07 16.47 -6.25
CA LEU A 163 -25.13 15.60 -6.77
C LEU A 163 -26.12 15.06 -5.71
N PRO A 164 -27.42 15.29 -5.85
CA PRO A 164 -28.44 14.80 -4.92
C PRO A 164 -28.63 13.31 -4.98
N ALA A 165 -28.37 12.65 -6.12
CA ALA A 165 -28.49 11.19 -6.21
C ALA A 165 -27.51 10.64 -7.27
N LEU A 166 -27.23 9.35 -7.35
CA LEU A 166 -26.38 8.85 -8.43
C LEU A 166 -27.23 8.79 -9.72
N PRO A 167 -26.98 9.47 -10.86
CA PRO A 167 -27.71 9.20 -12.11
C PRO A 167 -27.58 7.77 -12.58
N GLU A 168 -28.57 7.34 -13.34
CA GLU A 168 -28.53 6.04 -13.94
C GLU A 168 -27.53 5.97 -15.08
N ARG A 169 -27.39 6.99 -15.91
CA ARG A 169 -26.48 6.99 -17.04
C ARG A 169 -25.68 8.30 -17.01
N VAL A 170 -24.35 8.24 -17.06
CA VAL A 170 -23.42 9.40 -16.94
C VAL A 170 -22.37 9.39 -18.07
N ALA A 171 -22.12 10.57 -18.65
CA ALA A 171 -21.06 10.73 -19.62
C ALA A 171 -19.98 11.61 -19.00
N VAL A 172 -18.74 11.13 -18.88
CA VAL A 172 -17.64 11.98 -18.45
C VAL A 172 -16.89 12.33 -19.71
N VAL A 173 -16.76 13.62 -19.92
CA VAL A 173 -16.08 14.12 -21.08
C VAL A 173 -14.76 14.69 -20.59
N GLY A 174 -13.68 14.03 -20.97
CA GLY A 174 -12.35 14.36 -20.62
C GLY A 174 -11.79 13.15 -19.91
N ALA A 175 -10.81 12.42 -20.44
CA ALA A 175 -10.29 11.25 -19.74
C ALA A 175 -8.82 11.44 -19.35
N GLY A 176 -8.65 12.48 -18.53
CA GLY A 176 -7.41 12.76 -17.87
C GLY A 176 -7.52 12.35 -16.43
N TYR A 177 -6.91 13.06 -15.49
CA TYR A 177 -6.94 12.64 -14.09
C TYR A 177 -8.32 12.53 -13.47
N ILE A 178 -9.09 13.59 -13.63
CA ILE A 178 -10.40 13.75 -13.03
C ILE A 178 -11.36 12.85 -13.74
N GLY A 179 -11.38 12.91 -15.08
CA GLY A 179 -12.28 12.08 -15.88
C GLY A 179 -12.08 10.59 -15.62
N VAL A 180 -10.85 10.10 -15.66
CA VAL A 180 -10.56 8.72 -15.38
C VAL A 180 -10.94 8.38 -13.95
N GLU A 181 -10.65 9.22 -12.92
CA GLU A 181 -10.99 8.91 -11.53
C GLU A 181 -12.49 8.95 -11.30
N LEU A 182 -13.21 9.99 -11.67
CA LEU A 182 -14.67 10.01 -11.49
C LEU A 182 -15.36 8.93 -12.30
N GLY A 183 -14.99 8.72 -13.55
CA GLY A 183 -15.55 7.66 -14.40
C GLY A 183 -15.48 6.30 -13.76
N GLY A 184 -14.31 5.94 -13.24
CA GLY A 184 -14.13 4.68 -12.48
C GLY A 184 -14.94 4.65 -11.16
N VAL A 185 -15.15 5.77 -10.49
CA VAL A 185 -15.96 5.79 -9.26
C VAL A 185 -17.42 5.55 -9.69
N ILE A 186 -17.93 6.37 -10.60
CA ILE A 186 -19.31 6.35 -11.03
C ILE A 186 -19.62 4.99 -11.64
N ASN A 187 -18.71 4.42 -12.43
CA ASN A 187 -18.90 3.07 -12.95
C ASN A 187 -18.93 2.02 -11.84
N GLY A 188 -18.00 2.08 -10.89
CA GLY A 188 -17.98 1.16 -9.75
C GLY A 188 -19.17 1.31 -8.82
N LEU A 189 -19.81 2.47 -8.82
CA LEU A 189 -21.01 2.60 -7.99
C LEU A 189 -22.27 2.15 -8.67
N GLY A 190 -22.16 1.72 -9.94
CA GLY A 190 -23.24 1.05 -10.66
C GLY A 190 -23.85 1.85 -11.77
N ALA A 191 -23.47 3.10 -12.08
CA ALA A 191 -24.19 3.81 -13.14
C ALA A 191 -23.69 3.39 -14.52
N LYS A 192 -24.42 3.54 -15.64
CA LYS A 192 -23.88 3.16 -16.94
C LYS A 192 -23.03 4.34 -17.27
N THR A 193 -21.72 4.13 -17.35
CA THR A 193 -20.86 5.26 -17.53
C THR A 193 -20.11 5.31 -18.85
N HIS A 194 -20.08 6.42 -19.56
CA HIS A 194 -19.30 6.55 -20.78
C HIS A 194 -18.18 7.53 -20.49
N LEU A 195 -16.96 7.38 -21.04
CA LEU A 195 -15.87 8.33 -20.85
C LEU A 195 -15.47 8.78 -22.26
N PHE A 196 -15.34 10.07 -22.60
CA PHE A 196 -15.01 10.52 -23.93
C PHE A 196 -13.66 11.21 -23.84
N GLU A 197 -12.76 11.03 -24.80
CA GLU A 197 -11.46 11.70 -24.74
C GLU A 197 -11.18 12.16 -26.16
N MET A 198 -10.73 13.39 -26.40
CA MET A 198 -10.45 13.81 -27.76
C MET A 198 -9.19 13.21 -28.39
N PHE A 199 -8.26 12.70 -27.59
CA PHE A 199 -7.08 12.09 -28.15
C PHE A 199 -7.37 10.61 -28.26
N ASP A 200 -6.43 9.80 -28.70
CA ASP A 200 -6.67 8.41 -28.94
C ASP A 200 -6.50 7.54 -27.71
N ALA A 201 -6.03 8.07 -26.58
CA ALA A 201 -5.77 7.26 -25.39
C ALA A 201 -6.26 8.02 -24.17
N PRO A 202 -6.76 7.33 -23.11
CA PRO A 202 -6.88 7.86 -21.76
C PRO A 202 -5.52 8.16 -21.14
N LEU A 203 -5.43 9.16 -20.25
CA LEU A 203 -4.15 9.63 -19.67
C LEU A 203 -3.04 9.76 -20.71
N PRO A 204 -3.25 10.50 -21.78
CA PRO A 204 -2.34 10.44 -22.92
C PRO A 204 -0.92 10.90 -22.64
N SER A 205 -0.59 11.53 -21.50
CA SER A 205 0.79 11.92 -21.27
C SER A 205 1.53 11.00 -20.29
N PHE A 206 0.81 10.01 -19.75
CA PHE A 206 1.39 9.07 -18.82
C PHE A 206 2.21 8.07 -19.60
N ASP A 207 2.96 7.19 -18.92
CA ASP A 207 3.70 6.18 -19.65
C ASP A 207 2.71 5.28 -20.40
N PRO A 208 3.03 4.87 -21.64
CA PRO A 208 2.18 4.03 -22.49
C PRO A 208 1.64 2.78 -21.83
N MET A 209 2.39 2.09 -21.00
CA MET A 209 1.99 0.92 -20.24
C MET A 209 0.79 1.26 -19.38
N ILE A 210 0.72 2.47 -18.80
CA ILE A 210 -0.41 2.85 -17.99
C ILE A 210 -1.58 3.09 -18.91
N SER A 211 -1.57 3.91 -19.97
CA SER A 211 -2.69 4.02 -20.90
C SER A 211 -3.22 2.68 -21.43
N GLU A 212 -2.34 1.82 -21.96
CA GLU A 212 -2.71 0.51 -22.51
C GLU A 212 -3.43 -0.35 -21.48
N THR A 213 -2.97 -0.37 -20.23
CA THR A 213 -3.60 -1.20 -19.23
C THR A 213 -4.97 -0.65 -18.83
N LEU A 214 -5.16 0.66 -18.94
CA LEU A 214 -6.42 1.23 -18.52
C LEU A 214 -7.45 0.91 -19.55
N VAL A 215 -7.15 1.07 -20.82
CA VAL A 215 -8.02 0.70 -21.90
C VAL A 215 -8.48 -0.73 -21.70
N GLU A 216 -7.60 -1.68 -21.44
CA GLU A 216 -7.95 -3.06 -21.16
C GLU A 216 -8.96 -3.28 -20.05
N VAL A 217 -8.75 -2.71 -18.86
CA VAL A 217 -9.65 -3.00 -17.78
C VAL A 217 -10.97 -2.29 -17.99
N MET A 218 -10.98 -1.11 -18.58
CA MET A 218 -12.21 -0.41 -18.88
C MET A 218 -12.95 -1.19 -19.92
N ASN A 219 -12.30 -1.83 -20.91
CA ASN A 219 -13.03 -2.69 -21.85
C ASN A 219 -13.67 -3.87 -21.19
N ALA A 220 -13.13 -4.33 -20.07
CA ALA A 220 -13.71 -5.43 -19.40
C ALA A 220 -14.74 -5.06 -18.36
N GLU A 221 -14.50 -4.00 -17.59
CA GLU A 221 -15.26 -3.69 -16.40
C GLU A 221 -15.92 -2.33 -16.55
N GLY A 222 -15.72 -1.58 -17.62
CA GLY A 222 -16.24 -0.23 -17.74
C GLY A 222 -15.37 0.86 -17.07
N PRO A 223 -15.58 2.19 -17.16
CA PRO A 223 -16.62 2.80 -17.97
C PRO A 223 -16.40 2.51 -19.45
N GLN A 224 -17.37 2.83 -20.31
CA GLN A 224 -17.26 2.57 -21.73
C GLN A 224 -16.56 3.74 -22.37
N LEU A 225 -15.31 3.50 -22.79
CA LEU A 225 -14.42 4.53 -23.33
C LEU A 225 -14.66 4.86 -24.79
N HIS A 226 -14.65 6.12 -25.20
CA HIS A 226 -14.86 6.56 -26.58
C HIS A 226 -13.67 7.50 -26.80
N THR A 227 -12.66 7.08 -27.58
CA THR A 227 -11.54 7.98 -27.82
C THR A 227 -11.73 8.69 -29.15
N ASN A 228 -10.90 9.66 -29.48
CA ASN A 228 -11.05 10.52 -30.65
C ASN A 228 -12.43 11.13 -30.76
N ALA A 229 -13.00 11.42 -29.60
CA ALA A 229 -14.35 11.99 -29.50
C ALA A 229 -14.34 13.45 -29.01
N ILE A 230 -14.84 14.37 -29.82
CA ILE A 230 -14.84 15.79 -29.45
C ILE A 230 -16.30 16.19 -29.48
N PRO A 231 -16.94 16.66 -28.39
CA PRO A 231 -18.34 17.06 -28.43
C PRO A 231 -18.52 18.30 -29.26
N LYS A 232 -19.68 18.26 -29.91
CA LYS A 232 -20.06 19.29 -30.84
C LYS A 232 -21.21 20.07 -30.24
N ALA A 233 -22.13 19.40 -29.57
CA ALA A 233 -23.27 20.04 -28.96
C ALA A 233 -23.85 19.06 -27.94
N VAL A 234 -24.73 19.57 -27.09
CA VAL A 234 -25.43 18.83 -26.04
C VAL A 234 -26.88 19.23 -26.31
N VAL A 235 -27.80 18.33 -26.54
CA VAL A 235 -29.22 18.64 -26.73
C VAL A 235 -29.97 18.25 -25.46
N LYS A 236 -30.86 19.05 -24.88
CA LYS A 236 -31.61 18.54 -23.74
C LYS A 236 -32.89 18.05 -24.35
N ASN A 237 -33.36 16.91 -23.91
CA ASN A 237 -34.53 16.34 -24.52
C ASN A 237 -35.80 16.68 -23.77
N THR A 238 -36.95 16.41 -24.37
CA THR A 238 -38.28 16.65 -23.80
C THR A 238 -38.47 16.00 -22.43
N ASP A 239 -37.98 14.77 -22.35
CA ASP A 239 -38.02 14.00 -21.13
C ASP A 239 -36.92 14.40 -20.15
N GLY A 240 -36.18 15.45 -20.47
CA GLY A 240 -35.10 15.89 -19.64
C GLY A 240 -33.81 15.09 -19.77
N SER A 241 -33.62 14.08 -20.65
CA SER A 241 -32.31 13.44 -20.70
C SER A 241 -31.46 14.35 -21.59
N LEU A 242 -30.18 14.05 -21.75
CA LEU A 242 -29.23 14.86 -22.53
C LEU A 242 -28.57 13.99 -23.59
N THR A 243 -28.53 14.52 -24.81
CA THR A 243 -27.92 13.80 -25.88
C THR A 243 -26.71 14.56 -26.28
N LEU A 244 -25.61 13.85 -26.15
CA LEU A 244 -24.29 14.39 -26.46
C LEU A 244 -24.00 14.09 -27.93
N GLU A 245 -23.78 15.18 -28.67
CA GLU A 245 -23.53 15.13 -30.10
C GLU A 245 -22.06 15.26 -30.37
N LEU A 246 -21.44 14.34 -31.10
CA LEU A 246 -20.00 14.43 -31.27
C LEU A 246 -19.71 15.03 -32.61
N GLU A 247 -18.51 15.60 -32.76
CA GLU A 247 -18.05 16.25 -33.97
C GLU A 247 -18.08 15.17 -35.05
N ASP A 248 -17.67 13.95 -34.71
CA ASP A 248 -17.82 12.88 -35.65
C ASP A 248 -19.28 12.36 -35.71
N GLY A 249 -20.36 13.02 -35.30
CA GLY A 249 -21.70 12.45 -35.40
C GLY A 249 -22.06 11.32 -34.41
N ARG A 250 -21.15 10.59 -33.73
CA ARG A 250 -21.59 9.61 -32.72
C ARG A 250 -22.43 10.36 -31.63
N SER A 251 -23.33 9.68 -30.92
CA SER A 251 -24.27 10.33 -30.02
C SER A 251 -24.51 9.47 -28.81
N GLU A 252 -24.75 10.04 -27.64
CA GLU A 252 -25.00 9.21 -26.49
C GLU A 252 -26.05 9.90 -25.65
N THR A 253 -27.05 9.22 -25.13
CA THR A 253 -28.03 9.89 -24.30
C THR A 253 -27.92 9.46 -22.86
N VAL A 254 -27.66 10.43 -22.02
CA VAL A 254 -27.41 10.16 -20.61
C VAL A 254 -28.39 11.03 -19.85
N ASP A 255 -28.33 10.81 -18.56
CA ASP A 255 -29.11 11.57 -17.64
C ASP A 255 -28.21 12.69 -17.13
N CYS A 256 -26.91 12.50 -16.97
CA CYS A 256 -26.05 13.53 -16.39
C CYS A 256 -24.73 13.67 -17.14
N LEU A 257 -24.17 14.86 -17.46
CA LEU A 257 -22.88 15.02 -18.17
C LEU A 257 -21.87 15.79 -17.33
N ILE A 258 -20.65 15.29 -17.18
CA ILE A 258 -19.65 15.98 -16.40
C ILE A 258 -18.50 16.31 -17.31
N TRP A 259 -18.27 17.61 -17.42
CA TRP A 259 -17.10 18.16 -18.08
C TRP A 259 -15.88 17.87 -17.16
N ALA A 260 -14.77 17.35 -17.68
CA ALA A 260 -13.54 17.05 -16.97
C ALA A 260 -12.43 17.27 -17.98
N ILE A 261 -12.58 18.42 -18.59
CA ILE A 261 -11.72 18.82 -19.66
C ILE A 261 -10.54 19.69 -19.22
N GLY A 262 -10.20 19.84 -17.94
CA GLY A 262 -9.09 20.75 -17.61
C GLY A 262 -9.47 21.84 -16.59
N ARG A 263 -8.49 22.53 -16.01
CA ARG A 263 -8.81 23.58 -15.05
C ARG A 263 -8.19 24.87 -15.56
N GLU A 264 -8.57 26.00 -15.02
CA GLU A 264 -8.05 27.29 -15.39
C GLU A 264 -7.78 28.12 -14.17
N PRO A 265 -6.75 28.97 -14.16
CA PRO A 265 -6.34 29.74 -13.00
C PRO A 265 -7.38 30.80 -12.58
N ALA A 266 -7.60 30.93 -11.26
CA ALA A 266 -8.56 31.87 -10.72
C ALA A 266 -7.79 33.14 -10.32
N ASN A 267 -7.28 33.82 -11.35
CA ASN A 267 -6.46 35.03 -11.22
C ASN A 267 -7.10 36.25 -11.83
N ASP A 268 -8.35 36.19 -12.23
CA ASP A 268 -8.92 37.30 -12.95
C ASP A 268 -9.64 38.33 -12.12
N ASN A 269 -10.52 38.11 -11.14
CA ASN A 269 -11.16 39.31 -10.59
C ASN A 269 -10.45 39.88 -9.38
N ILE A 270 -9.10 39.86 -9.35
CA ILE A 270 -8.43 40.35 -8.17
C ILE A 270 -7.59 41.57 -8.44
N ASN A 271 -7.74 42.19 -9.62
CA ASN A 271 -7.08 43.42 -10.02
C ASN A 271 -5.56 43.36 -9.91
N LEU A 272 -5.03 42.35 -10.57
CA LEU A 272 -3.61 42.19 -10.67
C LEU A 272 -2.99 43.38 -11.37
N GLU A 273 -3.79 44.05 -12.21
CA GLU A 273 -3.32 45.17 -13.01
C GLU A 273 -2.85 46.30 -12.12
N ALA A 274 -3.55 46.56 -11.00
CA ALA A 274 -3.12 47.61 -10.08
C ALA A 274 -1.80 47.27 -9.37
N ALA A 275 -1.53 45.97 -9.18
CA ALA A 275 -0.26 45.58 -8.61
C ALA A 275 0.76 45.47 -9.73
N GLY A 276 0.35 45.48 -10.98
CA GLY A 276 1.29 45.24 -12.06
C GLY A 276 1.83 43.81 -12.04
N VAL A 277 1.23 42.79 -11.39
CA VAL A 277 1.81 41.43 -11.44
C VAL A 277 1.58 40.87 -12.85
N LYS A 278 2.53 40.21 -13.51
CA LYS A 278 2.15 39.69 -14.80
C LYS A 278 1.85 38.20 -14.86
N THR A 279 0.89 38.04 -15.73
CA THR A 279 0.33 36.77 -16.10
C THR A 279 0.78 36.35 -17.52
N ASN A 280 0.67 35.07 -17.83
CA ASN A 280 1.04 34.58 -19.14
C ASN A 280 -0.22 34.46 -19.97
N GLU A 281 -0.03 34.03 -21.22
CA GLU A 281 -1.08 33.80 -22.18
C GLU A 281 -2.26 32.99 -21.66
N LYS A 282 -1.99 32.00 -20.81
CA LYS A 282 -3.03 31.18 -20.24
C LYS A 282 -3.65 31.75 -18.95
N GLY A 283 -3.17 32.91 -18.48
CA GLY A 283 -3.70 33.53 -17.28
C GLY A 283 -3.04 33.09 -15.97
N TYR A 284 -2.01 32.28 -16.01
CA TYR A 284 -1.30 31.88 -14.81
C TYR A 284 -0.29 32.96 -14.42
N ILE A 285 0.01 33.07 -13.14
CA ILE A 285 0.94 34.06 -12.67
C ILE A 285 2.31 33.49 -12.97
N VAL A 286 3.14 34.33 -13.60
CA VAL A 286 4.46 33.91 -13.99
C VAL A 286 5.30 33.97 -12.72
N VAL A 287 5.90 32.88 -12.25
CA VAL A 287 6.78 32.95 -11.10
C VAL A 287 8.16 32.38 -11.46
N ASP A 288 9.17 32.68 -10.66
CA ASP A 288 10.48 32.11 -10.82
C ASP A 288 10.63 30.92 -9.89
N LYS A 289 11.84 30.38 -9.87
CA LYS A 289 12.28 29.29 -9.02
C LYS A 289 11.93 29.40 -7.52
N TYR A 290 11.87 30.63 -7.03
CA TYR A 290 11.62 30.91 -5.64
C TYR A 290 10.21 31.37 -5.42
N GLN A 291 9.31 31.15 -6.37
CA GLN A 291 7.94 31.60 -6.32
C GLN A 291 7.74 33.11 -6.37
N ASN A 292 8.73 33.90 -6.77
CA ASN A 292 8.50 35.34 -6.90
C ASN A 292 7.74 35.72 -8.15
N THR A 293 6.80 36.70 -8.06
CA THR A 293 6.23 37.25 -9.26
C THR A 293 7.24 38.26 -9.81
N ASN A 294 6.87 39.04 -10.79
CA ASN A 294 7.68 40.16 -11.26
C ASN A 294 7.69 41.32 -10.24
N ILE A 295 6.70 41.45 -9.36
CA ILE A 295 6.71 42.50 -8.39
C ILE A 295 7.32 41.95 -7.10
N GLU A 296 8.20 42.77 -6.60
CA GLU A 296 8.96 42.59 -5.37
C GLU A 296 7.95 42.61 -4.23
N GLY A 297 7.94 41.59 -3.35
CA GLY A 297 7.06 41.56 -2.19
C GLY A 297 5.79 40.74 -2.43
N ILE A 298 5.46 40.42 -3.69
CA ILE A 298 4.32 39.59 -4.06
C ILE A 298 4.82 38.24 -4.59
N TYR A 299 4.30 37.10 -4.09
CA TYR A 299 4.70 35.72 -4.43
C TYR A 299 3.42 34.97 -4.84
N ALA A 300 3.50 33.78 -5.49
CA ALA A 300 2.36 32.95 -5.87
C ALA A 300 2.73 31.46 -5.78
N VAL A 301 1.88 30.55 -5.30
CA VAL A 301 2.23 29.12 -5.24
C VAL A 301 0.97 28.37 -5.64
N GLY A 302 1.17 27.16 -6.12
CA GLY A 302 0.05 26.32 -6.39
C GLY A 302 -0.51 26.43 -7.80
N ASP A 303 -1.80 26.10 -7.86
CA ASP A 303 -2.42 25.98 -9.14
C ASP A 303 -2.54 27.28 -9.89
N ASN A 304 -2.53 28.42 -9.20
CA ASN A 304 -2.73 29.66 -9.94
C ASN A 304 -1.44 30.05 -10.63
N THR A 305 -0.34 29.30 -10.50
CA THR A 305 0.89 29.63 -11.20
C THR A 305 1.13 28.75 -12.41
N GLY A 306 0.36 27.68 -12.64
CA GLY A 306 0.61 26.88 -13.82
C GLY A 306 1.49 25.70 -13.52
N ALA A 307 1.96 25.51 -12.28
CA ALA A 307 2.80 24.37 -11.95
C ALA A 307 1.91 23.13 -11.82
N VAL A 308 2.48 21.94 -11.57
CA VAL A 308 1.72 20.70 -11.51
C VAL A 308 0.66 20.77 -10.42
N GLU A 309 -0.57 20.46 -10.79
CA GLU A 309 -1.68 20.65 -9.87
C GLU A 309 -1.92 19.49 -8.96
N LEU A 310 -1.17 19.56 -7.87
CA LEU A 310 -1.24 18.58 -6.81
C LEU A 310 -1.18 19.34 -5.49
N THR A 311 -1.86 18.88 -4.45
CA THR A 311 -1.80 19.48 -3.10
C THR A 311 -0.41 19.43 -2.45
N PRO A 312 0.33 18.30 -2.37
CA PRO A 312 1.69 18.23 -1.88
C PRO A 312 2.69 19.23 -2.42
N VAL A 313 2.49 19.54 -3.68
CA VAL A 313 3.33 20.50 -4.38
C VAL A 313 2.99 21.90 -3.88
N ALA A 314 1.73 22.39 -3.91
CA ALA A 314 1.38 23.69 -3.32
C ALA A 314 1.77 23.77 -1.84
N VAL A 315 1.74 22.69 -1.07
CA VAL A 315 2.11 22.74 0.33
C VAL A 315 3.62 22.90 0.46
N ALA A 316 4.33 22.08 -0.32
CA ALA A 316 5.79 22.07 -0.27
C ALA A 316 6.39 23.39 -0.70
N ALA A 317 5.91 23.98 -1.79
CA ALA A 317 6.40 25.27 -2.27
C ALA A 317 6.10 26.41 -1.30
N GLY A 318 4.90 26.35 -0.67
CA GLY A 318 4.45 27.31 0.32
C GLY A 318 5.26 27.24 1.61
N ARG A 319 5.54 26.10 2.22
CA ARG A 319 6.36 26.05 3.42
C ARG A 319 7.79 26.42 3.13
N ARG A 320 8.36 26.04 1.98
CA ARG A 320 9.70 26.43 1.58
C ARG A 320 9.83 27.93 1.29
N LEU A 321 8.76 28.60 0.83
CA LEU A 321 8.80 30.03 0.63
C LEU A 321 8.91 30.74 1.97
N SER A 322 8.14 30.36 2.98
CA SER A 322 8.24 30.93 4.32
C SER A 322 9.62 30.69 4.94
N GLU A 323 10.25 29.53 4.64
CA GLU A 323 11.60 29.21 5.13
C GLU A 323 12.61 30.18 4.56
N ARG A 324 12.49 30.44 3.26
CA ARG A 324 13.30 31.40 2.54
C ARG A 324 13.08 32.79 3.09
N LEU A 325 11.84 33.23 3.17
CA LEU A 325 11.54 34.61 3.55
C LEU A 325 11.68 34.96 5.04
N PHE A 326 11.37 34.04 5.94
CA PHE A 326 11.23 34.38 7.34
C PHE A 326 12.16 33.55 8.17
N ASN A 327 12.91 32.59 7.62
CA ASN A 327 13.85 31.85 8.45
C ASN A 327 15.25 31.89 7.86
N ASN A 328 15.53 32.97 7.15
CA ASN A 328 16.82 33.24 6.54
C ASN A 328 17.43 32.08 5.74
N LYS A 329 16.67 31.40 4.89
CA LYS A 329 17.22 30.34 4.05
C LYS A 329 17.15 30.79 2.58
N PRO A 330 18.00 31.70 2.10
CA PRO A 330 17.77 32.39 0.84
C PRO A 330 17.74 31.57 -0.44
N ASP A 331 18.17 30.32 -0.43
CA ASP A 331 18.13 29.47 -1.62
C ASP A 331 17.02 28.43 -1.57
N GLU A 332 16.30 28.30 -0.43
CA GLU A 332 15.24 27.33 -0.22
C GLU A 332 14.22 27.43 -1.33
N HIS A 333 13.89 26.35 -2.02
CA HIS A 333 12.88 26.38 -3.06
C HIS A 333 12.42 24.94 -3.28
N LEU A 334 11.32 24.67 -3.96
CA LEU A 334 10.89 23.31 -4.24
C LEU A 334 11.54 22.78 -5.53
N ASP A 335 12.13 21.59 -5.52
CA ASP A 335 12.62 20.98 -6.74
C ASP A 335 11.42 20.32 -7.44
N TYR A 336 10.95 20.89 -8.52
CA TYR A 336 9.77 20.34 -9.16
C TYR A 336 10.00 19.07 -9.99
N SER A 337 11.16 18.42 -9.92
CA SER A 337 11.41 17.23 -10.69
C SER A 337 11.13 16.02 -9.79
N ASN A 338 10.80 14.91 -10.43
CA ASN A 338 10.60 13.67 -9.69
C ASN A 338 9.51 13.69 -8.62
N ILE A 339 8.46 14.46 -8.84
CA ILE A 339 7.30 14.51 -7.95
C ILE A 339 6.45 13.25 -8.19
N PRO A 340 6.20 12.42 -7.17
CA PRO A 340 5.33 11.25 -7.20
C PRO A 340 3.86 11.65 -7.40
N THR A 341 3.04 10.84 -8.03
CA THR A 341 1.65 11.17 -8.29
C THR A 341 0.90 9.87 -8.20
N VAL A 342 -0.26 9.86 -7.53
CA VAL A 342 -1.11 8.72 -7.64
C VAL A 342 -2.48 9.22 -8.12
N VAL A 343 -3.02 8.45 -9.08
CA VAL A 343 -4.34 8.60 -9.72
C VAL A 343 -5.16 7.51 -9.02
N PHE A 344 -6.27 7.87 -8.41
CA PHE A 344 -7.10 6.91 -7.70
C PHE A 344 -8.19 6.48 -8.70
N SER A 345 -7.66 5.86 -9.76
CA SER A 345 -8.46 5.25 -10.80
C SER A 345 -8.80 3.81 -10.41
N HIS A 346 -9.46 3.06 -11.28
CA HIS A 346 -9.63 1.63 -11.07
C HIS A 346 -8.74 1.03 -12.16
N PRO A 347 -7.66 0.27 -11.83
CA PRO A 347 -7.06 0.26 -10.51
C PRO A 347 -6.19 1.51 -10.37
N PRO A 348 -5.70 1.90 -9.16
CA PRO A 348 -4.90 3.10 -8.98
C PRO A 348 -3.55 3.06 -9.75
N ILE A 349 -3.10 4.19 -10.24
CA ILE A 349 -1.86 4.35 -10.97
C ILE A 349 -0.97 5.11 -9.99
N GLY A 350 0.30 4.72 -9.97
CA GLY A 350 1.37 5.32 -9.18
C GLY A 350 2.46 5.67 -10.20
N THR A 351 3.08 6.85 -10.23
CA THR A 351 4.16 7.16 -11.19
C THR A 351 5.04 8.25 -10.61
N VAL A 352 6.35 8.09 -10.70
CA VAL A 352 7.26 9.17 -10.33
C VAL A 352 8.37 9.11 -11.39
N GLY A 353 8.71 10.22 -12.05
CA GLY A 353 9.88 10.18 -12.93
C GLY A 353 9.52 10.18 -14.40
N LEU A 354 10.51 9.80 -15.21
CA LEU A 354 10.38 9.87 -16.63
C LEU A 354 9.68 8.63 -17.13
N THR A 355 8.88 8.87 -18.15
CA THR A 355 8.22 7.77 -18.81
C THR A 355 9.29 7.11 -19.69
N GLU A 356 9.11 5.87 -20.15
CA GLU A 356 10.06 5.26 -21.06
C GLU A 356 10.23 6.11 -22.30
N PRO A 357 9.23 6.63 -23.05
CA PRO A 357 9.46 7.58 -24.16
C PRO A 357 10.34 8.76 -23.75
N GLN A 358 10.13 9.31 -22.56
CA GLN A 358 10.87 10.49 -22.17
C GLN A 358 12.31 10.11 -21.93
N ALA A 359 12.53 9.03 -21.20
CA ALA A 359 13.86 8.54 -20.90
C ALA A 359 14.67 8.24 -22.15
N ARG A 360 14.03 7.65 -23.17
CA ARG A 360 14.66 7.33 -24.42
C ARG A 360 14.95 8.56 -25.24
N GLU A 361 14.14 9.63 -25.18
CA GLU A 361 14.46 10.83 -25.92
C GLU A 361 15.67 11.50 -25.29
N GLN A 362 15.53 11.82 -24.01
CA GLN A 362 16.57 12.49 -23.27
C GLN A 362 17.89 11.74 -23.24
N TYR A 363 17.94 10.41 -23.05
CA TYR A 363 19.20 9.70 -22.92
C TYR A 363 19.56 8.85 -24.11
N GLY A 364 18.62 8.60 -25.01
CA GLY A 364 18.87 7.72 -26.14
C GLY A 364 18.62 6.26 -25.78
N ASP A 365 18.03 5.53 -26.73
CA ASP A 365 17.68 4.11 -26.62
C ASP A 365 18.80 3.28 -26.06
N ASP A 366 19.94 3.66 -26.57
CA ASP A 366 21.22 3.10 -26.24
C ASP A 366 21.51 3.01 -24.75
N GLN A 367 21.02 3.98 -24.01
CA GLN A 367 21.27 4.06 -22.60
C GLN A 367 20.16 3.53 -21.72
N VAL A 368 18.96 3.24 -22.27
CA VAL A 368 17.83 2.89 -21.43
C VAL A 368 17.55 1.40 -21.31
N LYS A 369 17.40 0.93 -20.07
CA LYS A 369 17.03 -0.45 -19.78
C LYS A 369 15.67 -0.32 -19.14
N VAL A 370 14.69 -1.13 -19.45
CA VAL A 370 13.36 -1.02 -18.85
C VAL A 370 13.14 -2.39 -18.24
N TYR A 371 12.55 -2.51 -17.05
CA TYR A 371 12.16 -3.79 -16.52
C TYR A 371 10.65 -3.75 -16.43
N LYS A 372 9.95 -4.85 -16.69
CA LYS A 372 8.49 -4.86 -16.75
C LYS A 372 7.94 -6.05 -16.00
N SER A 373 6.71 -5.98 -15.54
CA SER A 373 6.12 -7.04 -14.76
C SER A 373 4.65 -6.90 -15.06
N SER A 374 4.04 -8.04 -15.30
CA SER A 374 2.63 -8.13 -15.48
C SER A 374 2.25 -9.32 -14.63
N PHE A 375 1.24 -9.16 -13.78
CA PHE A 375 0.76 -10.31 -13.02
C PHE A 375 -0.68 -10.00 -12.67
N THR A 376 -1.35 -10.91 -12.00
CA THR A 376 -2.74 -10.70 -11.66
C THR A 376 -2.78 -10.32 -10.21
N ALA A 377 -3.57 -9.27 -9.95
CA ALA A 377 -3.76 -8.76 -8.60
C ALA A 377 -4.23 -9.90 -7.70
N MET A 378 -3.54 -10.33 -6.63
CA MET A 378 -3.83 -11.54 -5.86
C MET A 378 -5.23 -11.61 -5.27
N TYR A 379 -5.70 -10.41 -4.97
CA TYR A 379 -7.03 -10.22 -4.46
C TYR A 379 -8.06 -10.67 -5.53
N THR A 380 -7.81 -10.48 -6.82
CA THR A 380 -8.73 -10.85 -7.93
C THR A 380 -8.43 -12.23 -8.55
N ALA A 381 -7.26 -12.83 -8.27
CA ALA A 381 -6.82 -14.11 -8.82
C ALA A 381 -7.76 -15.29 -8.59
N VAL A 382 -8.45 -15.31 -7.45
CA VAL A 382 -9.39 -16.36 -7.13
C VAL A 382 -10.78 -15.99 -7.65
N THR A 383 -10.96 -14.94 -8.46
CA THR A 383 -12.26 -14.58 -8.94
C THR A 383 -12.40 -14.72 -10.45
N THR A 384 -13.60 -14.49 -10.97
CA THR A 384 -13.77 -14.54 -12.40
C THR A 384 -13.63 -13.09 -12.84
N HIS A 385 -13.00 -12.20 -12.06
CA HIS A 385 -12.81 -10.80 -12.46
C HIS A 385 -11.39 -10.43 -12.11
N ARG A 386 -10.51 -11.32 -12.53
CA ARG A 386 -9.07 -11.19 -12.36
C ARG A 386 -8.61 -9.86 -12.95
N GLN A 387 -7.69 -9.09 -12.34
CA GLN A 387 -7.36 -7.79 -12.90
C GLN A 387 -5.86 -7.73 -13.03
N PRO A 388 -5.21 -7.14 -14.10
CA PRO A 388 -3.77 -7.04 -14.24
C PRO A 388 -3.19 -6.04 -13.27
N CYS A 389 -1.91 -6.25 -13.02
CA CYS A 389 -1.08 -5.37 -12.23
C CYS A 389 0.24 -5.26 -13.00
N ARG A 390 0.44 -4.17 -13.69
CA ARG A 390 1.65 -3.96 -14.46
C ARG A 390 2.58 -2.94 -13.77
N MET A 391 3.90 -3.21 -13.78
CA MET A 391 4.93 -2.34 -13.18
C MET A 391 6.07 -2.21 -14.17
N LYS A 392 6.73 -1.06 -14.17
CA LYS A 392 7.86 -0.77 -15.04
C LYS A 392 8.95 0.09 -14.35
N LEU A 393 10.23 -0.35 -14.30
CA LEU A 393 11.32 0.49 -13.80
C LEU A 393 12.12 0.94 -15.02
N VAL A 394 12.37 2.24 -15.22
CA VAL A 394 13.21 2.77 -16.30
C VAL A 394 14.58 3.14 -15.74
N CYS A 395 15.65 2.53 -16.24
CA CYS A 395 17.00 2.64 -15.76
C CYS A 395 17.85 3.24 -16.86
N VAL A 396 18.85 4.04 -16.53
CA VAL A 396 19.81 4.50 -17.52
C VAL A 396 21.24 4.18 -17.06
N GLY A 397 22.10 3.90 -18.03
CA GLY A 397 23.51 3.66 -17.79
C GLY A 397 23.85 2.24 -17.38
N SER A 398 25.15 2.03 -17.15
CA SER A 398 25.67 0.73 -16.72
C SER A 398 25.32 0.47 -15.27
N GLU A 399 25.24 1.57 -14.53
CA GLU A 399 24.86 1.52 -13.13
C GLU A 399 23.38 1.26 -12.96
N GLU A 400 22.59 1.43 -14.01
CA GLU A 400 21.15 1.34 -13.97
C GLU A 400 20.58 2.22 -12.86
N LYS A 401 20.80 3.52 -13.08
CA LYS A 401 20.29 4.51 -12.18
C LYS A 401 18.78 4.55 -12.48
N ILE A 402 17.88 4.42 -11.50
CA ILE A 402 16.46 4.46 -11.81
C ILE A 402 16.03 5.88 -12.09
N VAL A 403 15.48 6.22 -13.25
CA VAL A 403 14.92 7.55 -13.49
C VAL A 403 13.39 7.50 -13.57
N GLY A 404 12.67 6.36 -13.44
CA GLY A 404 11.23 6.29 -13.60
C GLY A 404 10.71 4.99 -12.99
N ILE A 405 9.58 5.06 -12.27
CA ILE A 405 8.94 3.97 -11.52
C ILE A 405 7.46 4.17 -11.87
N HIS A 406 6.79 3.22 -12.52
CA HIS A 406 5.42 3.35 -12.98
C HIS A 406 4.63 2.08 -12.65
N GLY A 407 3.36 2.15 -12.28
CA GLY A 407 2.60 0.94 -12.07
C GLY A 407 1.15 1.25 -12.06
N ILE A 408 0.36 0.23 -12.37
CA ILE A 408 -1.08 0.31 -12.37
C ILE A 408 -1.55 -1.03 -11.80
N GLY A 409 -2.28 -0.98 -10.68
CA GLY A 409 -2.76 -2.19 -10.08
C GLY A 409 -3.09 -1.98 -8.64
N PHE A 410 -3.78 -2.94 -8.00
CA PHE A 410 -4.09 -2.85 -6.58
C PHE A 410 -2.81 -2.71 -5.76
N GLY A 411 -2.79 -1.75 -4.83
CA GLY A 411 -1.66 -1.55 -3.96
C GLY A 411 -0.88 -0.34 -4.43
N MET A 412 -1.03 0.09 -5.71
CA MET A 412 -0.19 1.17 -6.20
C MET A 412 -0.35 2.49 -5.47
N ASP A 413 -1.51 2.70 -4.84
CA ASP A 413 -1.74 3.96 -4.18
C ASP A 413 -0.89 4.10 -2.90
N GLU A 414 -0.63 3.04 -2.15
CA GLU A 414 0.19 3.04 -0.94
C GLU A 414 1.63 2.62 -1.15
N MET A 415 2.05 2.03 -2.27
CA MET A 415 3.40 1.55 -2.30
C MET A 415 4.41 2.57 -2.75
N LEU A 416 3.92 3.54 -3.51
CA LEU A 416 4.79 4.46 -4.22
C LEU A 416 5.61 5.42 -3.31
N GLN A 417 5.15 5.88 -2.14
CA GLN A 417 5.87 6.88 -1.38
C GLN A 417 7.30 6.49 -0.98
N GLY A 418 7.55 5.23 -0.59
CA GLY A 418 8.85 4.77 -0.18
C GLY A 418 9.84 4.76 -1.35
N PHE A 419 9.38 4.26 -2.48
CA PHE A 419 10.18 4.14 -3.66
C PHE A 419 10.53 5.52 -4.15
N ALA A 420 9.65 6.49 -3.98
CA ALA A 420 9.94 7.85 -4.39
C ALA A 420 10.98 8.51 -3.48
N VAL A 421 11.17 8.12 -2.21
CA VAL A 421 12.25 8.58 -1.31
C VAL A 421 13.56 8.01 -1.87
N ALA A 422 13.61 6.69 -2.09
CA ALA A 422 14.72 5.99 -2.71
C ALA A 422 15.05 6.59 -4.06
N LEU A 423 14.05 6.94 -4.86
CA LEU A 423 14.33 7.59 -6.12
C LEU A 423 14.96 8.96 -5.82
N LYS A 424 14.43 9.70 -4.85
CA LYS A 424 14.97 11.03 -4.56
C LYS A 424 16.42 10.91 -4.01
N MET A 425 16.79 9.82 -3.35
CA MET A 425 18.13 9.55 -2.86
C MET A 425 19.10 9.08 -3.97
N GLY A 426 18.69 8.98 -5.24
CA GLY A 426 19.52 8.48 -6.34
C GLY A 426 19.67 6.94 -6.44
N ALA A 427 18.63 6.14 -6.15
CA ALA A 427 18.77 4.70 -6.18
C ALA A 427 18.99 4.15 -7.57
N THR A 428 19.77 3.08 -7.52
CA THR A 428 20.07 2.27 -8.68
C THR A 428 19.30 0.96 -8.53
N LYS A 429 19.12 0.16 -9.60
CA LYS A 429 18.46 -1.13 -9.49
C LYS A 429 19.15 -2.07 -8.50
N LYS A 430 20.44 -1.94 -8.31
CA LYS A 430 21.18 -2.72 -7.31
C LYS A 430 20.63 -2.43 -5.90
N ASP A 431 20.17 -1.21 -5.63
CA ASP A 431 19.58 -0.88 -4.34
C ASP A 431 18.25 -1.56 -4.05
N PHE A 432 17.44 -1.58 -5.11
CA PHE A 432 16.18 -2.27 -5.07
C PHE A 432 16.42 -3.76 -4.82
N ASP A 433 17.22 -4.43 -5.63
CA ASP A 433 17.41 -5.86 -5.41
C ASP A 433 18.21 -6.23 -4.17
N ASN A 434 19.09 -5.39 -3.64
CA ASN A 434 19.69 -5.78 -2.38
C ASN A 434 18.72 -5.72 -1.21
N THR A 435 17.48 -5.21 -1.34
CA THR A 435 16.50 -5.23 -0.25
C THR A 435 15.70 -6.56 -0.24
N VAL A 436 15.38 -7.17 0.91
CA VAL A 436 14.59 -8.39 1.00
C VAL A 436 13.11 -8.08 0.72
N ALA A 437 12.40 -8.95 -0.02
CA ALA A 437 11.01 -8.67 -0.36
C ALA A 437 10.06 -8.88 0.83
N ILE A 438 8.85 -8.35 0.78
CA ILE A 438 7.86 -8.64 1.80
C ILE A 438 6.86 -9.53 1.08
N HIS A 439 6.48 -10.68 1.63
CA HIS A 439 5.60 -11.58 0.91
C HIS A 439 4.41 -11.99 1.78
N PRO A 440 3.17 -12.08 1.26
CA PRO A 440 2.90 -11.74 -0.14
C PRO A 440 2.39 -10.31 -0.41
N THR A 441 3.00 -9.52 -1.30
CA THR A 441 2.52 -8.17 -1.59
C THR A 441 2.63 -7.88 -3.07
N ALA A 442 1.91 -6.89 -3.58
CA ALA A 442 2.21 -6.39 -4.90
C ALA A 442 3.61 -5.75 -4.94
N ALA A 443 3.93 -4.90 -3.95
CA ALA A 443 5.20 -4.14 -3.85
C ALA A 443 6.49 -4.92 -4.03
N GLU A 444 6.58 -6.13 -3.47
CA GLU A 444 7.79 -6.93 -3.57
C GLU A 444 8.24 -7.12 -5.00
N GLU A 445 7.34 -6.98 -5.98
CA GLU A 445 7.69 -6.98 -7.39
C GLU A 445 8.76 -5.97 -7.83
N PHE A 446 8.77 -4.73 -7.33
CA PHE A 446 9.79 -3.74 -7.69
C PHE A 446 11.18 -4.09 -7.21
N VAL A 447 11.38 -5.01 -6.27
CA VAL A 447 12.72 -5.43 -5.85
C VAL A 447 13.07 -6.88 -6.27
N THR A 448 12.28 -7.52 -7.15
CA THR A 448 12.58 -8.88 -7.60
C THR A 448 12.59 -9.01 -9.12
N MET A 449 12.47 -7.90 -9.83
CA MET A 449 12.46 -7.90 -11.28
C MET A 449 13.85 -8.26 -11.71
N ARG A 450 13.90 -8.89 -12.87
CA ARG A 450 15.10 -9.45 -13.44
C ARG A 450 14.99 -9.20 -14.93
N THR B 2 23.31 -45.98 -8.95
CA THR B 2 23.01 -44.74 -8.28
C THR B 2 22.98 -43.69 -9.38
N LYS B 3 22.19 -42.62 -9.29
CA LYS B 3 22.25 -41.54 -10.23
C LYS B 3 23.04 -40.44 -9.53
N HIS B 4 23.96 -39.76 -10.18
CA HIS B 4 24.72 -38.70 -9.55
C HIS B 4 24.30 -37.35 -10.12
N TYR B 5 24.19 -36.33 -9.23
CA TYR B 5 23.76 -35.00 -9.59
C TYR B 5 24.82 -33.99 -9.22
N ASP B 6 24.80 -32.81 -9.78
CA ASP B 6 25.71 -31.79 -9.27
C ASP B 6 25.24 -31.20 -7.95
N TYR B 7 23.92 -31.09 -7.73
CA TYR B 7 23.29 -30.39 -6.61
C TYR B 7 21.95 -31.04 -6.42
N ILE B 8 21.61 -31.33 -5.17
CA ILE B 8 20.34 -31.92 -4.80
C ILE B 8 19.77 -31.09 -3.67
N ALA B 9 18.47 -30.77 -3.66
CA ALA B 9 17.93 -30.03 -2.51
C ALA B 9 17.00 -30.95 -1.76
N ILE B 10 16.97 -31.09 -0.43
CA ILE B 10 15.95 -31.92 0.25
C ILE B 10 14.91 -30.89 0.65
N GLY B 11 13.72 -30.87 0.07
CA GLY B 11 12.70 -29.89 0.40
C GLY B 11 12.32 -29.01 -0.76
N GLY B 12 11.10 -29.14 -1.28
CA GLY B 12 10.60 -28.30 -2.35
C GLY B 12 9.79 -27.12 -1.85
N GLY B 13 10.25 -26.45 -0.80
CA GLY B 13 9.60 -25.26 -0.28
C GLY B 13 10.32 -24.02 -0.81
N SER B 14 10.18 -22.91 -0.09
CA SER B 14 10.81 -21.65 -0.54
C SER B 14 12.33 -21.61 -0.78
N GLY B 15 13.10 -22.30 0.04
CA GLY B 15 14.56 -22.29 -0.01
C GLY B 15 15.05 -23.15 -1.15
N GLY B 16 14.56 -24.39 -1.05
CA GLY B 16 14.79 -25.50 -1.94
C GLY B 16 14.49 -25.11 -3.37
N ILE B 17 13.35 -24.49 -3.68
CA ILE B 17 13.02 -24.11 -5.06
C ILE B 17 13.79 -22.93 -5.61
N ALA B 18 14.00 -21.92 -4.78
CA ALA B 18 14.77 -20.74 -5.15
C ALA B 18 16.21 -21.13 -5.53
N SER B 19 16.94 -21.91 -4.71
CA SER B 19 18.30 -22.37 -4.99
C SER B 19 18.46 -23.39 -6.15
N ILE B 20 17.56 -24.40 -6.25
CA ILE B 20 17.70 -25.37 -7.30
C ILE B 20 17.52 -24.67 -8.64
N ASN B 21 16.56 -23.74 -8.78
CA ASN B 21 16.36 -23.12 -10.07
C ASN B 21 17.46 -22.18 -10.47
N ARG B 22 18.08 -21.53 -9.50
CA ARG B 22 19.19 -20.63 -9.79
C ARG B 22 20.40 -21.47 -10.24
N ALA B 23 20.71 -22.62 -9.61
CA ALA B 23 21.83 -23.49 -9.94
C ALA B 23 21.69 -24.11 -11.34
N ALA B 24 20.50 -24.65 -11.55
CA ALA B 24 20.04 -25.19 -12.81
C ALA B 24 20.25 -24.19 -13.92
N MET B 25 19.92 -22.93 -13.62
CA MET B 25 20.03 -21.86 -14.55
C MET B 25 21.48 -21.65 -14.97
N TYR B 26 22.47 -22.10 -14.22
CA TYR B 26 23.85 -22.03 -14.62
C TYR B 26 24.39 -23.40 -15.07
N GLY B 27 23.55 -24.32 -15.52
CA GLY B 27 24.01 -25.59 -16.04
C GLY B 27 24.26 -26.68 -15.03
N GLN B 28 23.86 -26.61 -13.77
CA GLN B 28 24.09 -27.72 -12.88
C GLN B 28 22.96 -28.74 -13.06
N LYS B 29 23.26 -30.04 -13.11
CA LYS B 29 22.25 -31.07 -13.21
C LYS B 29 21.79 -31.27 -11.79
N CYS B 30 20.53 -31.03 -11.59
CA CYS B 30 19.94 -30.99 -10.25
C CYS B 30 18.73 -31.92 -10.07
N ALA B 31 18.52 -32.35 -8.84
CA ALA B 31 17.38 -33.09 -8.35
C ALA B 31 16.74 -32.31 -7.18
N LEU B 32 15.44 -32.28 -7.01
CA LEU B 32 14.77 -31.59 -5.93
C LEU B 32 13.91 -32.71 -5.39
N ILE B 33 13.93 -32.94 -4.09
CA ILE B 33 13.15 -34.00 -3.50
C ILE B 33 12.08 -33.41 -2.60
N GLU B 34 10.79 -33.65 -2.84
CA GLU B 34 9.73 -33.14 -1.99
C GLU B 34 8.84 -34.29 -1.54
N ALA B 35 8.63 -34.41 -0.24
CA ALA B 35 7.78 -35.44 0.32
C ALA B 35 6.28 -35.18 0.19
N LYS B 36 5.79 -33.98 -0.09
CA LYS B 36 4.37 -33.67 -0.08
C LYS B 36 4.08 -32.76 -1.25
N GLU B 37 3.62 -31.51 -1.12
CA GLU B 37 3.39 -30.65 -2.26
C GLU B 37 4.47 -29.62 -2.43
N LEU B 38 4.74 -29.33 -3.70
CA LEU B 38 5.70 -28.32 -4.14
C LEU B 38 5.14 -26.99 -3.70
N GLY B 39 6.08 -26.16 -3.29
CA GLY B 39 5.77 -24.88 -2.73
C GLY B 39 5.97 -24.92 -1.20
N GLY B 40 6.14 -26.07 -0.57
CA GLY B 40 6.36 -26.15 0.89
C GLY B 40 5.29 -25.42 1.70
N THR B 41 5.71 -24.85 2.82
CA THR B 41 4.78 -24.22 3.74
C THR B 41 4.17 -22.98 3.11
N CYS B 42 4.98 -22.07 2.57
CA CYS B 42 4.52 -20.84 1.95
C CYS B 42 3.26 -20.98 1.11
N VAL B 43 3.29 -21.89 0.11
CA VAL B 43 2.21 -22.04 -0.83
C VAL B 43 1.04 -22.85 -0.33
N ASN B 44 1.26 -23.86 0.51
CA ASN B 44 0.20 -24.81 0.87
C ASN B 44 -0.47 -24.50 2.19
N VAL B 45 0.27 -24.30 3.26
CA VAL B 45 -0.34 -24.06 4.55
C VAL B 45 0.16 -22.77 5.21
N GLY B 46 0.54 -21.75 4.47
CA GLY B 46 1.13 -20.58 5.08
C GLY B 46 0.82 -19.34 4.26
N CYS B 47 1.80 -18.53 3.86
CA CYS B 47 1.65 -17.30 3.06
C CYS B 47 0.45 -17.17 2.08
N VAL B 48 0.32 -18.06 1.08
CA VAL B 48 -0.71 -17.82 0.05
C VAL B 48 -2.07 -18.14 0.66
N PRO B 49 -2.40 -19.26 1.32
CA PRO B 49 -3.76 -19.51 1.78
C PRO B 49 -4.14 -18.52 2.85
N LYS B 50 -3.23 -18.12 3.76
CA LYS B 50 -3.52 -17.09 4.77
C LYS B 50 -3.92 -15.78 4.09
N LYS B 51 -3.26 -15.35 3.02
CA LYS B 51 -3.64 -14.06 2.48
C LYS B 51 -4.96 -14.11 1.72
N VAL B 52 -5.35 -15.26 1.14
CA VAL B 52 -6.66 -15.39 0.52
C VAL B 52 -7.70 -15.37 1.68
N MET B 53 -7.46 -16.07 2.79
CA MET B 53 -8.32 -15.99 3.95
C MET B 53 -8.39 -14.57 4.51
N TRP B 54 -7.30 -13.78 4.46
CA TRP B 54 -7.29 -12.37 4.90
C TRP B 54 -8.15 -11.55 3.94
N HIS B 55 -8.08 -11.74 2.61
CA HIS B 55 -8.94 -10.95 1.75
C HIS B 55 -10.41 -11.32 1.98
N ALA B 56 -10.74 -12.55 2.29
CA ALA B 56 -12.14 -12.96 2.46
C ALA B 56 -12.73 -12.24 3.68
N ALA B 57 -11.91 -12.11 4.73
CA ALA B 57 -12.25 -11.38 5.95
C ALA B 57 -12.42 -9.91 5.68
N GLN B 58 -11.56 -9.36 4.82
CA GLN B 58 -11.66 -7.96 4.48
C GLN B 58 -12.98 -7.75 3.75
N ILE B 59 -13.42 -8.69 2.90
CA ILE B 59 -14.69 -8.54 2.21
C ILE B 59 -15.88 -8.58 3.18
N ARG B 60 -15.93 -9.51 4.13
CA ARG B 60 -17.04 -9.57 5.08
C ARG B 60 -17.10 -8.28 5.90
N GLU B 61 -15.98 -7.73 6.42
CA GLU B 61 -15.96 -6.46 7.15
C GLU B 61 -16.45 -5.30 6.30
N ALA B 62 -16.14 -5.29 5.02
CA ALA B 62 -16.69 -4.31 4.10
C ALA B 62 -18.22 -4.44 4.09
N ILE B 63 -18.77 -5.62 3.82
CA ILE B 63 -20.22 -5.86 3.73
C ILE B 63 -20.93 -5.53 5.03
N HIS B 64 -20.33 -6.05 6.09
CA HIS B 64 -20.98 -6.07 7.38
C HIS B 64 -20.60 -4.98 8.38
N MET B 65 -19.40 -4.42 8.39
CA MET B 65 -19.00 -3.42 9.34
C MET B 65 -18.99 -2.06 8.71
N TYR B 66 -18.19 -1.82 7.71
CA TYR B 66 -18.09 -0.48 7.12
C TYR B 66 -19.21 -0.14 6.14
N GLY B 67 -19.71 -1.08 5.35
CA GLY B 67 -20.72 -0.86 4.29
C GLY B 67 -21.93 -0.08 4.74
N PRO B 68 -22.51 -0.40 5.90
CA PRO B 68 -23.61 0.35 6.53
C PRO B 68 -23.47 1.85 6.51
N ASP B 69 -22.41 2.33 7.11
CA ASP B 69 -22.09 3.75 7.21
C ASP B 69 -21.72 4.38 5.87
N TYR B 70 -21.33 3.62 4.83
CA TYR B 70 -21.14 4.21 3.49
C TYR B 70 -22.47 4.24 2.71
N GLY B 71 -23.52 3.74 3.33
CA GLY B 71 -24.84 3.76 2.74
C GLY B 71 -25.23 2.42 2.16
N PHE B 72 -24.50 1.30 2.23
CA PHE B 72 -24.95 0.04 1.61
C PHE B 72 -25.69 -0.81 2.63
N ASP B 73 -26.96 -1.17 2.39
CA ASP B 73 -27.69 -2.10 3.25
C ASP B 73 -27.67 -3.38 2.43
N THR B 74 -27.08 -4.39 3.01
CA THR B 74 -26.83 -5.62 2.31
C THR B 74 -27.28 -6.79 3.16
N THR B 75 -27.76 -7.91 2.62
CA THR B 75 -27.94 -9.07 3.49
C THR B 75 -26.95 -10.11 2.98
N ILE B 76 -26.24 -10.85 3.83
CA ILE B 76 -25.37 -11.91 3.32
C ILE B 76 -26.37 -13.03 3.38
N ASN B 77 -26.89 -13.45 2.23
CA ASN B 77 -27.84 -14.56 2.19
C ASN B 77 -27.13 -15.83 2.60
N LYS B 78 -25.88 -16.08 2.18
CA LYS B 78 -25.20 -17.28 2.56
C LYS B 78 -23.70 -17.03 2.44
N PHE B 79 -22.94 -17.60 3.37
CA PHE B 79 -21.50 -17.53 3.28
C PHE B 79 -21.14 -18.96 2.95
N ASN B 80 -20.71 -19.27 1.76
CA ASN B 80 -20.39 -20.63 1.37
C ASN B 80 -18.89 -20.94 1.56
N TRP B 81 -18.55 -21.56 2.69
CA TRP B 81 -17.16 -21.89 3.02
C TRP B 81 -16.60 -22.76 1.90
N GLU B 82 -17.36 -23.77 1.43
CA GLU B 82 -16.93 -24.66 0.36
C GLU B 82 -16.55 -23.84 -0.86
N THR B 83 -17.22 -22.75 -1.20
CA THR B 83 -16.81 -22.01 -2.36
C THR B 83 -15.52 -21.28 -2.09
N LEU B 84 -15.29 -20.74 -0.88
CA LEU B 84 -14.05 -20.06 -0.55
C LEU B 84 -12.87 -21.02 -0.64
N ILE B 85 -13.00 -22.23 -0.02
CA ILE B 85 -11.96 -23.25 0.00
C ILE B 85 -11.74 -23.76 -1.43
N ALA B 86 -12.73 -23.97 -2.32
CA ALA B 86 -12.47 -24.35 -3.69
C ALA B 86 -11.71 -23.29 -4.47
N SER B 87 -12.05 -21.99 -4.43
CA SER B 87 -11.27 -20.94 -5.08
C SER B 87 -9.86 -20.87 -4.51
N ARG B 88 -9.71 -21.01 -3.19
CA ARG B 88 -8.39 -20.94 -2.58
C ARG B 88 -7.54 -22.12 -3.10
N THR B 89 -8.06 -23.34 -2.99
CA THR B 89 -7.39 -24.53 -3.45
C THR B 89 -7.14 -24.53 -4.95
N ALA B 90 -8.02 -24.04 -5.79
CA ALA B 90 -7.79 -24.05 -7.22
C ALA B 90 -6.55 -23.20 -7.52
N TYR B 91 -6.48 -22.02 -6.92
CA TYR B 91 -5.38 -21.12 -7.10
C TYR B 91 -4.03 -21.75 -6.71
N ILE B 92 -3.99 -22.52 -5.64
CA ILE B 92 -2.77 -23.19 -5.20
C ILE B 92 -2.40 -24.30 -6.17
N ASP B 93 -3.35 -25.03 -6.79
CA ASP B 93 -3.04 -26.01 -7.80
C ASP B 93 -2.46 -25.34 -9.03
N ARG B 94 -2.95 -24.18 -9.48
CA ARG B 94 -2.31 -23.46 -10.56
C ARG B 94 -0.94 -22.98 -10.21
N ILE B 95 -0.65 -22.51 -8.99
CA ILE B 95 0.70 -22.22 -8.58
C ILE B 95 1.54 -23.50 -8.62
N HIS B 96 1.08 -24.67 -8.16
CA HIS B 96 1.87 -25.89 -8.25
C HIS B 96 2.28 -26.12 -9.71
N THR B 97 1.40 -26.02 -10.71
CA THR B 97 1.75 -26.15 -12.12
C THR B 97 2.86 -25.21 -12.56
N SER B 98 2.77 -23.92 -12.21
CA SER B 98 3.77 -22.90 -12.55
C SER B 98 5.14 -23.30 -12.10
N TYR B 99 5.20 -23.84 -10.90
CA TYR B 99 6.46 -24.29 -10.36
C TYR B 99 6.97 -25.46 -11.13
N GLU B 100 6.17 -26.50 -11.37
CA GLU B 100 6.56 -27.67 -12.14
C GLU B 100 6.99 -27.25 -13.53
N ASN B 101 6.36 -26.20 -14.05
CA ASN B 101 6.71 -25.71 -15.35
C ASN B 101 8.12 -25.17 -15.29
N VAL B 102 8.40 -24.26 -14.36
CA VAL B 102 9.71 -23.66 -14.31
C VAL B 102 10.77 -24.69 -13.98
N LEU B 103 10.57 -25.63 -13.07
CA LEU B 103 11.59 -26.63 -12.75
C LEU B 103 11.85 -27.49 -13.98
N GLY B 104 10.78 -27.71 -14.74
CA GLY B 104 10.83 -28.45 -15.97
C GLY B 104 11.64 -27.73 -17.03
N LYS B 105 11.40 -26.46 -17.35
CA LYS B 105 12.20 -25.75 -18.33
C LYS B 105 13.67 -25.71 -17.95
N ASN B 106 13.97 -25.78 -16.65
CA ASN B 106 15.33 -25.78 -16.16
C ASN B 106 15.86 -27.17 -16.03
N ASN B 107 15.18 -28.22 -16.52
CA ASN B 107 15.65 -29.61 -16.44
C ASN B 107 15.84 -30.18 -15.04
N VAL B 108 15.30 -29.62 -13.94
CA VAL B 108 15.51 -30.17 -12.58
C VAL B 108 14.70 -31.46 -12.49
N ASP B 109 15.18 -32.56 -11.92
CA ASP B 109 14.37 -33.76 -11.76
C ASP B 109 13.65 -33.63 -10.42
N VAL B 110 12.32 -33.59 -10.38
CA VAL B 110 11.59 -33.54 -9.14
C VAL B 110 11.37 -34.98 -8.68
N ILE B 111 11.70 -35.34 -7.45
CA ILE B 111 11.47 -36.67 -6.93
C ILE B 111 10.54 -36.47 -5.75
N LYS B 112 9.44 -37.18 -5.71
CA LYS B 112 8.47 -37.06 -4.64
C LYS B 112 8.70 -38.20 -3.66
N GLY B 113 9.22 -37.93 -2.48
CA GLY B 113 9.46 -38.92 -1.47
C GLY B 113 10.24 -38.27 -0.36
N PHE B 114 10.46 -39.02 0.69
CA PHE B 114 11.12 -38.50 1.85
C PHE B 114 12.58 -38.94 1.86
N ALA B 115 13.48 -37.99 1.65
CA ALA B 115 14.89 -38.28 1.62
C ALA B 115 15.50 -38.51 2.99
N ARG B 116 16.43 -39.45 3.14
CA ARG B 116 17.24 -39.61 4.35
C ARG B 116 18.70 -39.73 3.94
N PHE B 117 19.66 -39.33 4.77
CA PHE B 117 21.08 -39.46 4.48
C PHE B 117 21.61 -40.87 4.67
N VAL B 118 22.31 -41.43 3.67
CA VAL B 118 22.91 -42.73 3.89
C VAL B 118 24.35 -42.42 4.30
N ASP B 119 24.99 -41.35 3.84
CA ASP B 119 26.27 -40.90 4.41
C ASP B 119 26.41 -39.47 3.94
N ALA B 120 27.54 -38.81 4.17
CA ALA B 120 27.64 -37.43 3.74
C ALA B 120 27.41 -37.09 2.28
N LYS B 121 27.28 -38.05 1.38
CA LYS B 121 27.17 -37.72 -0.02
C LYS B 121 26.08 -38.52 -0.69
N THR B 122 25.33 -39.32 0.06
CA THR B 122 24.38 -40.26 -0.45
C THR B 122 23.10 -39.97 0.31
N LEU B 123 21.99 -40.11 -0.39
CA LEU B 123 20.63 -39.91 0.09
C LEU B 123 19.87 -41.10 -0.42
N GLU B 124 19.01 -41.70 0.37
CA GLU B 124 18.18 -42.75 -0.16
C GLU B 124 16.74 -42.21 -0.12
N VAL B 125 15.97 -42.38 -1.18
CA VAL B 125 14.61 -41.89 -1.29
C VAL B 125 13.84 -43.02 -1.93
N ASN B 126 12.86 -43.66 -1.33
CA ASN B 126 12.05 -44.68 -2.02
C ASN B 126 12.89 -45.85 -2.49
N GLY B 127 13.79 -46.37 -1.65
CA GLY B 127 14.67 -47.49 -2.00
C GLY B 127 15.78 -47.17 -3.00
N GLU B 128 15.66 -46.15 -3.85
CA GLU B 128 16.68 -45.75 -4.79
C GLU B 128 17.71 -44.93 -4.02
N THR B 129 18.93 -44.85 -4.54
CA THR B 129 20.05 -44.21 -3.89
C THR B 129 20.56 -43.16 -4.86
N ILE B 130 20.73 -41.90 -4.48
CA ILE B 130 21.23 -40.87 -5.36
C ILE B 130 22.35 -40.14 -4.63
N THR B 131 23.26 -39.48 -5.35
CA THR B 131 24.43 -38.88 -4.73
C THR B 131 24.73 -37.57 -5.40
N ALA B 132 25.36 -36.61 -4.73
CA ALA B 132 25.68 -35.38 -5.37
C ALA B 132 26.87 -34.83 -4.63
N ASP B 133 27.45 -33.81 -5.22
CA ASP B 133 28.65 -33.25 -4.62
C ASP B 133 28.24 -32.16 -3.64
N HIS B 134 27.11 -31.52 -3.90
CA HIS B 134 26.60 -30.45 -3.07
C HIS B 134 25.20 -30.86 -2.64
N ILE B 135 24.89 -30.96 -1.36
CA ILE B 135 23.53 -31.27 -0.94
C ILE B 135 22.98 -30.10 -0.12
N LEU B 136 21.78 -29.55 -0.40
CA LEU B 136 21.15 -28.48 0.36
C LEU B 136 20.02 -29.08 1.19
N ILE B 137 20.03 -28.86 2.53
CA ILE B 137 18.91 -29.37 3.34
C ILE B 137 17.97 -28.16 3.56
N ALA B 138 16.79 -28.15 2.96
CA ALA B 138 15.84 -27.05 3.09
C ALA B 138 14.52 -27.70 3.52
N THR B 139 14.58 -28.39 4.67
CA THR B 139 13.44 -29.11 5.19
C THR B 139 12.41 -28.27 5.94
N GLY B 140 12.67 -27.00 6.22
CA GLY B 140 11.70 -26.20 6.95
C GLY B 140 11.46 -26.66 8.39
N GLY B 141 10.21 -26.45 8.84
CA GLY B 141 9.84 -26.73 10.21
C GLY B 141 8.42 -27.20 10.37
N ARG B 142 7.81 -27.20 11.54
CA ARG B 142 6.44 -27.67 11.70
C ARG B 142 5.85 -27.12 12.99
N PRO B 143 4.52 -27.14 13.23
CA PRO B 143 3.91 -26.60 14.44
C PRO B 143 4.36 -27.26 15.72
N SER B 144 4.68 -26.46 16.76
CA SER B 144 4.91 -27.04 18.08
C SER B 144 3.55 -27.25 18.80
N HIS B 145 3.44 -28.21 19.74
CA HIS B 145 2.24 -28.51 20.51
C HIS B 145 2.63 -28.54 21.98
N PRO B 146 1.81 -28.03 22.91
CA PRO B 146 2.13 -28.06 24.35
C PRO B 146 2.03 -29.43 25.04
N ASP B 147 2.87 -29.75 26.04
CA ASP B 147 2.77 -31.04 26.67
C ASP B 147 1.77 -30.87 27.81
N ILE B 148 0.49 -30.90 27.50
CA ILE B 148 -0.52 -30.73 28.52
C ILE B 148 -1.64 -31.73 28.28
N PRO B 149 -2.43 -32.23 29.27
CA PRO B 149 -3.61 -33.05 29.05
C PRO B 149 -4.55 -32.47 28.02
N GLY B 150 -5.03 -33.29 27.10
CA GLY B 150 -6.03 -32.82 26.16
C GLY B 150 -5.42 -32.00 25.03
N VAL B 151 -4.09 -31.88 24.98
CA VAL B 151 -3.37 -31.21 23.89
C VAL B 151 -3.82 -31.71 22.55
N GLU B 152 -4.16 -33.00 22.51
CA GLU B 152 -4.55 -33.65 21.27
C GLU B 152 -5.90 -33.18 20.76
N TYR B 153 -6.73 -32.47 21.55
CA TYR B 153 -7.99 -31.93 21.02
C TYR B 153 -7.77 -30.62 20.26
N GLY B 154 -6.59 -30.00 20.29
CA GLY B 154 -6.44 -28.77 19.54
C GLY B 154 -5.92 -29.11 18.16
N ILE B 155 -6.04 -28.25 17.19
CA ILE B 155 -5.41 -28.45 15.91
C ILE B 155 -4.31 -27.38 15.89
N ASP B 156 -3.55 -27.22 14.82
CA ASP B 156 -2.54 -26.17 14.72
C ASP B 156 -2.83 -25.45 13.39
N SER B 157 -2.00 -24.55 12.90
CA SER B 157 -2.32 -23.80 11.69
C SER B 157 -2.46 -24.70 10.47
N ASP B 158 -1.82 -25.89 10.41
CA ASP B 158 -2.02 -26.79 9.26
C ASP B 158 -3.46 -27.29 9.29
N GLY B 159 -3.99 -27.63 10.48
CA GLY B 159 -5.35 -28.07 10.66
C GLY B 159 -6.30 -26.94 10.32
N PHE B 160 -5.98 -25.66 10.57
CA PHE B 160 -6.83 -24.55 10.14
C PHE B 160 -7.09 -24.58 8.62
N PHE B 161 -6.07 -24.84 7.79
CA PHE B 161 -6.27 -24.85 6.35
C PHE B 161 -7.03 -26.08 5.88
N ALA B 162 -7.11 -27.11 6.71
CA ALA B 162 -7.99 -28.27 6.46
C ALA B 162 -9.36 -28.13 7.12
N LEU B 163 -9.85 -26.99 7.61
CA LEU B 163 -11.11 -26.93 8.33
C LEU B 163 -12.28 -27.06 7.38
N PRO B 164 -13.19 -27.97 7.69
CA PRO B 164 -14.38 -28.22 6.87
C PRO B 164 -15.46 -27.17 6.96
N ALA B 165 -15.43 -26.36 7.99
CA ALA B 165 -16.48 -25.41 8.25
C ALA B 165 -15.94 -24.36 9.19
N LEU B 166 -16.54 -23.19 9.30
CA LEU B 166 -15.98 -22.22 10.23
C LEU B 166 -16.64 -22.56 11.56
N PRO B 167 -15.94 -22.88 12.67
CA PRO B 167 -16.57 -23.17 13.95
C PRO B 167 -17.19 -21.89 14.51
N GLU B 168 -18.28 -21.95 15.30
CA GLU B 168 -18.83 -20.71 15.82
C GLU B 168 -17.98 -20.08 16.90
N ARG B 169 -17.24 -20.83 17.72
CA ARG B 169 -16.46 -20.29 18.82
C ARG B 169 -15.07 -20.84 18.62
N VAL B 170 -14.00 -20.05 18.52
CA VAL B 170 -12.64 -20.56 18.29
C VAL B 170 -11.68 -19.99 19.33
N ALA B 171 -10.79 -20.79 19.95
CA ALA B 171 -9.73 -20.23 20.80
C ALA B 171 -8.41 -20.41 20.07
N VAL B 172 -7.63 -19.36 19.92
CA VAL B 172 -6.32 -19.42 19.36
C VAL B 172 -5.42 -19.18 20.56
N VAL B 173 -4.51 -20.11 20.84
CA VAL B 173 -3.64 -19.97 21.96
C VAL B 173 -2.27 -19.61 21.37
N GLY B 174 -1.76 -18.44 21.71
CA GLY B 174 -0.46 -17.98 21.28
C GLY B 174 -0.71 -16.80 20.40
N ALA B 175 -0.21 -15.62 20.77
CA ALA B 175 -0.45 -14.42 20.00
C ALA B 175 0.82 -13.82 19.38
N GLY B 176 1.54 -14.66 18.66
CA GLY B 176 2.68 -14.26 17.90
C GLY B 176 2.12 -13.95 16.54
N TYR B 177 2.93 -14.10 15.50
CA TYR B 177 2.46 -13.87 14.14
C TYR B 177 1.22 -14.68 13.77
N ILE B 178 1.26 -15.99 13.99
CA ILE B 178 0.19 -16.86 13.49
C ILE B 178 -1.12 -16.68 14.28
N GLY B 179 -1.13 -16.63 15.61
CA GLY B 179 -2.38 -16.40 16.36
C GLY B 179 -2.98 -15.04 16.08
N VAL B 180 -2.18 -13.98 15.95
CA VAL B 180 -2.72 -12.65 15.64
C VAL B 180 -3.36 -12.58 14.26
N GLU B 181 -2.66 -13.15 13.28
CA GLU B 181 -3.23 -13.22 11.95
C GLU B 181 -4.45 -14.10 11.96
N LEU B 182 -4.44 -15.38 12.41
CA LEU B 182 -5.65 -16.21 12.33
C LEU B 182 -6.75 -15.72 13.25
N GLY B 183 -6.38 -15.20 14.43
CA GLY B 183 -7.29 -14.56 15.36
C GLY B 183 -8.00 -13.45 14.61
N GLY B 184 -7.28 -12.66 13.79
CA GLY B 184 -7.89 -11.54 13.10
C GLY B 184 -8.83 -12.00 12.02
N VAL B 185 -8.38 -13.06 11.33
CA VAL B 185 -9.15 -13.62 10.22
C VAL B 185 -10.43 -14.31 10.67
N ILE B 186 -10.39 -15.20 11.66
CA ILE B 186 -11.54 -15.94 12.13
C ILE B 186 -12.57 -15.00 12.75
N ASN B 187 -12.06 -14.03 13.48
CA ASN B 187 -12.86 -13.00 14.09
C ASN B 187 -13.60 -12.21 13.02
N GLY B 188 -12.88 -11.86 11.95
CA GLY B 188 -13.42 -11.05 10.89
C GLY B 188 -14.41 -11.75 9.97
N LEU B 189 -14.22 -13.06 9.86
CA LEU B 189 -15.12 -13.97 9.18
C LEU B 189 -16.38 -14.28 10.01
N GLY B 190 -16.50 -13.85 11.25
CA GLY B 190 -17.73 -14.03 11.97
C GLY B 190 -17.66 -14.94 13.18
N ALA B 191 -16.58 -15.66 13.49
CA ALA B 191 -16.67 -16.53 14.65
C ALA B 191 -16.40 -15.78 15.95
N LYS B 192 -16.89 -16.27 17.08
CA LYS B 192 -16.57 -15.68 18.36
C LYS B 192 -15.15 -16.16 18.61
N THR B 193 -14.16 -15.28 18.64
CA THR B 193 -12.79 -15.72 18.84
C THR B 193 -12.15 -15.27 20.15
N HIS B 194 -11.33 -16.11 20.77
CA HIS B 194 -10.58 -15.75 21.95
C HIS B 194 -9.12 -15.94 21.62
N LEU B 195 -8.25 -14.99 21.93
CA LEU B 195 -6.81 -15.13 21.76
C LEU B 195 -6.18 -15.13 23.16
N PHE B 196 -5.43 -16.16 23.52
CA PHE B 196 -4.75 -16.35 24.79
C PHE B 196 -3.28 -16.16 24.53
N GLU B 197 -2.52 -15.51 25.41
CA GLU B 197 -1.09 -15.25 25.22
C GLU B 197 -0.52 -15.45 26.60
N MET B 198 0.61 -16.14 26.66
CA MET B 198 1.30 -16.45 27.89
C MET B 198 1.81 -15.18 28.60
N PHE B 199 2.23 -14.22 27.79
CA PHE B 199 2.82 -12.96 28.24
C PHE B 199 1.76 -11.91 28.35
N ASP B 200 2.15 -10.69 28.68
CA ASP B 200 1.21 -9.66 29.03
C ASP B 200 0.71 -8.82 27.90
N ALA B 201 1.11 -9.13 26.68
CA ALA B 201 0.73 -8.33 25.54
C ALA B 201 0.83 -9.24 24.32
N PRO B 202 -0.01 -9.08 23.29
CA PRO B 202 0.14 -9.76 22.00
C PRO B 202 1.38 -9.20 21.32
N LEU B 203 1.99 -10.02 20.46
CA LEU B 203 3.16 -9.61 19.72
C LEU B 203 4.19 -8.97 20.66
N PRO B 204 4.58 -9.68 21.71
CA PRO B 204 5.38 -9.17 22.83
C PRO B 204 6.74 -8.59 22.42
N SER B 205 7.33 -9.10 21.35
CA SER B 205 8.66 -8.76 20.88
C SER B 205 8.66 -7.59 19.91
N PHE B 206 7.50 -7.03 19.55
CA PHE B 206 7.49 -5.95 18.60
C PHE B 206 7.62 -4.66 19.36
N ASP B 207 7.75 -3.55 18.65
CA ASP B 207 7.82 -2.27 19.30
C ASP B 207 6.54 -2.08 20.14
N PRO B 208 6.65 -1.62 21.39
CA PRO B 208 5.54 -1.34 22.28
C PRO B 208 4.39 -0.60 21.66
N MET B 209 4.58 0.44 20.85
CA MET B 209 3.49 1.09 20.17
C MET B 209 2.62 0.13 19.36
N ILE B 210 3.17 -0.92 18.75
CA ILE B 210 2.41 -1.85 17.95
C ILE B 210 1.55 -2.73 18.84
N SER B 211 2.15 -3.35 19.84
CA SER B 211 1.41 -4.19 20.78
C SER B 211 0.28 -3.42 21.44
N GLU B 212 0.51 -2.15 21.81
CA GLU B 212 -0.50 -1.34 22.48
C GLU B 212 -1.63 -1.01 21.55
N THR B 213 -1.41 -0.56 20.32
CA THR B 213 -2.49 -0.26 19.41
C THR B 213 -3.31 -1.52 19.18
N LEU B 214 -2.62 -2.65 19.06
CA LEU B 214 -3.26 -3.91 18.74
C LEU B 214 -4.21 -4.27 19.89
N VAL B 215 -3.82 -4.01 21.14
CA VAL B 215 -4.71 -4.25 22.26
C VAL B 215 -5.93 -3.36 22.20
N GLU B 216 -5.75 -2.15 21.73
CA GLU B 216 -6.83 -1.20 21.70
C GLU B 216 -7.86 -1.68 20.69
N VAL B 217 -7.39 -1.93 19.47
CA VAL B 217 -8.22 -2.36 18.36
C VAL B 217 -8.97 -3.62 18.80
N MET B 218 -8.27 -4.63 19.33
CA MET B 218 -8.93 -5.86 19.73
C MET B 218 -9.98 -5.70 20.82
N ASN B 219 -9.78 -4.79 21.78
CA ASN B 219 -10.77 -4.59 22.82
C ASN B 219 -12.03 -4.06 22.18
N ALA B 220 -11.86 -3.26 21.13
CA ALA B 220 -12.97 -2.70 20.46
C ALA B 220 -13.60 -3.59 19.39
N GLU B 221 -12.92 -4.49 18.65
CA GLU B 221 -13.55 -5.18 17.50
C GLU B 221 -13.43 -6.68 17.55
N GLY B 222 -12.75 -7.17 18.57
CA GLY B 222 -12.46 -8.58 18.68
C GLY B 222 -11.14 -8.81 17.99
N PRO B 223 -10.43 -9.91 18.16
CA PRO B 223 -10.71 -10.97 19.09
C PRO B 223 -10.59 -10.59 20.57
N GLN B 224 -11.15 -11.46 21.40
CA GLN B 224 -11.08 -11.23 22.80
C GLN B 224 -9.76 -11.80 23.29
N LEU B 225 -8.92 -10.89 23.71
CA LEU B 225 -7.62 -11.19 24.23
C LEU B 225 -7.52 -11.59 25.70
N HIS B 226 -6.68 -12.56 26.06
CA HIS B 226 -6.54 -13.08 27.40
C HIS B 226 -5.03 -13.12 27.63
N THR B 227 -4.42 -12.19 28.35
CA THR B 227 -2.99 -12.21 28.58
C THR B 227 -2.74 -12.91 29.90
N ASN B 228 -1.47 -13.28 30.09
CA ASN B 228 -0.98 -14.07 31.21
C ASN B 228 -1.65 -15.42 31.29
N ALA B 229 -2.20 -15.85 30.15
CA ALA B 229 -2.94 -17.09 30.05
C ALA B 229 -1.97 -18.26 29.96
N ILE B 230 -1.92 -19.17 30.93
CA ILE B 230 -1.01 -20.28 30.85
C ILE B 230 -1.83 -21.55 30.87
N PRO B 231 -2.00 -22.22 29.69
CA PRO B 231 -2.78 -23.45 29.54
C PRO B 231 -2.37 -24.55 30.52
N LYS B 232 -3.41 -25.04 31.21
CA LYS B 232 -3.30 -26.14 32.15
C LYS B 232 -3.76 -27.44 31.51
N ALA B 233 -4.94 -27.47 30.90
CA ALA B 233 -5.44 -28.68 30.26
C ALA B 233 -6.58 -28.32 29.33
N VAL B 234 -7.03 -29.24 28.50
CA VAL B 234 -8.18 -29.00 27.60
C VAL B 234 -9.10 -30.17 27.91
N VAL B 235 -10.31 -29.84 28.33
CA VAL B 235 -11.29 -30.84 28.71
C VAL B 235 -12.24 -31.02 27.55
N LYS B 236 -12.51 -32.25 27.11
CA LYS B 236 -13.51 -32.46 26.08
C LYS B 236 -14.79 -32.67 26.83
N ASN B 237 -15.77 -31.86 26.50
CA ASN B 237 -17.03 -31.86 27.20
C ASN B 237 -17.97 -32.83 26.53
N THR B 238 -18.93 -33.22 27.36
CA THR B 238 -19.99 -34.16 27.09
C THR B 238 -20.73 -33.82 25.82
N ASP B 239 -20.92 -32.54 25.53
CA ASP B 239 -21.58 -32.16 24.29
C ASP B 239 -20.64 -32.01 23.08
N GLY B 240 -19.38 -32.40 23.24
CA GLY B 240 -18.38 -32.25 22.20
C GLY B 240 -17.60 -30.93 22.25
N SER B 241 -17.92 -29.89 23.02
CA SER B 241 -17.14 -28.67 23.00
C SER B 241 -15.89 -28.91 23.83
N LEU B 242 -14.94 -27.98 23.82
CA LEU B 242 -13.71 -28.16 24.57
C LEU B 242 -13.64 -26.96 25.51
N THR B 243 -13.23 -27.23 26.72
CA THR B 243 -13.03 -26.18 27.69
C THR B 243 -11.53 -26.08 27.89
N LEU B 244 -10.95 -24.92 27.61
CA LEU B 244 -9.57 -24.65 27.94
C LEU B 244 -9.53 -24.20 29.38
N GLU B 245 -8.70 -24.89 30.17
CA GLU B 245 -8.47 -24.56 31.57
C GLU B 245 -7.13 -23.87 31.77
N LEU B 246 -7.08 -22.67 32.32
CA LEU B 246 -5.83 -21.98 32.55
C LEU B 246 -5.30 -22.23 33.97
N GLU B 247 -4.00 -22.12 34.15
CA GLU B 247 -3.34 -22.24 35.44
C GLU B 247 -4.01 -21.38 36.51
N ASP B 248 -4.32 -20.11 36.23
CA ASP B 248 -4.89 -19.18 37.19
C ASP B 248 -6.39 -19.31 37.48
N GLY B 249 -6.95 -20.34 36.84
CA GLY B 249 -8.34 -20.63 37.03
C GLY B 249 -9.21 -20.10 35.93
N ARG B 250 -8.86 -19.17 35.02
CA ARG B 250 -9.83 -18.78 34.02
C ARG B 250 -10.11 -19.97 33.11
N SER B 251 -11.27 -20.06 32.47
CA SER B 251 -11.50 -21.13 31.55
C SER B 251 -12.28 -20.55 30.41
N GLU B 252 -12.39 -21.27 29.30
CA GLU B 252 -13.15 -20.77 28.16
C GLU B 252 -13.57 -22.00 27.37
N THR B 253 -14.84 -22.08 27.01
CA THR B 253 -15.39 -23.20 26.26
C THR B 253 -15.66 -22.77 24.82
N VAL B 254 -15.20 -23.57 23.89
CA VAL B 254 -15.21 -23.20 22.48
C VAL B 254 -15.50 -24.48 21.72
N ASP B 255 -15.61 -24.33 20.40
CA ASP B 255 -15.81 -25.43 19.48
C ASP B 255 -14.50 -25.91 18.86
N CYS B 256 -13.49 -25.07 18.77
CA CYS B 256 -12.26 -25.42 18.08
C CYS B 256 -11.12 -24.72 18.77
N LEU B 257 -10.06 -25.43 19.12
CA LEU B 257 -8.90 -24.85 19.74
C LEU B 257 -7.66 -24.91 18.77
N ILE B 258 -7.08 -23.79 18.36
CA ILE B 258 -5.87 -23.76 17.54
C ILE B 258 -4.62 -23.42 18.36
N TRP B 259 -3.66 -24.35 18.44
CA TRP B 259 -2.35 -24.09 19.03
C TRP B 259 -1.50 -23.26 18.03
N ALA B 260 -1.03 -22.07 18.40
CA ALA B 260 -0.16 -21.22 17.58
C ALA B 260 0.99 -20.76 18.47
N ILE B 261 1.65 -21.71 19.10
CA ILE B 261 2.65 -21.45 20.09
C ILE B 261 4.10 -21.54 19.62
N GLY B 262 4.40 -21.56 18.31
CA GLY B 262 5.75 -21.68 17.79
C GLY B 262 5.91 -22.77 16.71
N ARG B 263 7.09 -22.87 16.11
CA ARG B 263 7.41 -23.86 15.12
C ARG B 263 8.69 -24.51 15.53
N GLU B 264 8.75 -25.81 15.44
CA GLU B 264 9.97 -26.52 15.68
C GLU B 264 10.58 -26.86 14.29
N PRO B 265 11.89 -27.16 14.16
CA PRO B 265 12.53 -27.53 12.87
C PRO B 265 12.31 -28.97 12.40
N ALA B 266 12.18 -29.28 11.11
CA ALA B 266 11.96 -30.64 10.69
C ALA B 266 13.30 -31.28 10.31
N ASN B 267 14.13 -31.55 11.30
CA ASN B 267 15.50 -32.04 11.06
C ASN B 267 15.76 -33.37 11.71
N ASP B 268 14.75 -33.83 12.43
CA ASP B 268 14.88 -34.99 13.29
C ASP B 268 14.81 -36.35 12.63
N ASN B 269 14.10 -36.48 11.51
CA ASN B 269 13.99 -37.80 10.91
C ASN B 269 14.86 -38.09 9.72
N ILE B 270 15.83 -37.21 9.35
CA ILE B 270 16.52 -37.42 8.09
C ILE B 270 17.88 -38.09 8.22
N ASN B 271 18.13 -38.63 9.41
CA ASN B 271 19.35 -39.34 9.75
C ASN B 271 20.58 -38.49 9.44
N LEU B 272 20.58 -37.30 10.01
CA LEU B 272 21.69 -36.36 9.94
C LEU B 272 22.97 -36.87 10.53
N GLU B 273 22.85 -37.73 11.55
CA GLU B 273 23.98 -38.25 12.31
C GLU B 273 24.95 -39.00 11.40
N ALA B 274 24.32 -39.72 10.47
CA ALA B 274 24.97 -40.46 9.42
C ALA B 274 25.88 -39.57 8.57
N ALA B 275 25.36 -38.40 8.14
CA ALA B 275 26.17 -37.38 7.48
C ALA B 275 27.03 -36.56 8.42
N GLY B 276 26.76 -36.60 9.73
CA GLY B 276 27.58 -35.89 10.71
C GLY B 276 27.30 -34.41 10.87
N VAL B 277 26.19 -33.94 10.32
CA VAL B 277 25.84 -32.53 10.34
C VAL B 277 25.50 -32.10 11.76
N LYS B 278 25.87 -30.91 12.18
CA LYS B 278 25.60 -30.54 13.55
C LYS B 278 24.40 -29.67 13.69
N THR B 279 23.58 -29.95 14.69
CA THR B 279 22.40 -29.15 14.99
C THR B 279 22.59 -28.52 16.35
N ASN B 280 21.90 -27.48 16.78
CA ASN B 280 22.05 -26.98 18.14
C ASN B 280 21.09 -27.63 19.12
N GLU B 281 21.03 -27.18 20.38
CA GLU B 281 20.16 -27.80 21.38
C GLU B 281 18.66 -27.73 21.09
N LYS B 282 18.26 -26.78 20.23
CA LYS B 282 16.89 -26.62 19.82
C LYS B 282 16.63 -27.53 18.63
N GLY B 283 17.68 -28.02 18.01
CA GLY B 283 17.49 -28.93 16.91
C GLY B 283 17.63 -28.25 15.57
N TYR B 284 17.98 -26.98 15.50
CA TYR B 284 18.25 -26.36 14.22
C TYR B 284 19.64 -26.75 13.70
N ILE B 285 19.82 -26.80 12.40
CA ILE B 285 21.12 -27.06 11.81
C ILE B 285 21.90 -25.75 11.98
N VAL B 286 23.12 -25.85 12.52
CA VAL B 286 23.97 -24.68 12.69
C VAL B 286 24.58 -24.32 11.33
N VAL B 287 24.43 -23.12 10.81
CA VAL B 287 25.08 -22.74 9.57
C VAL B 287 25.87 -21.46 9.81
N ASP B 288 26.91 -21.24 9.00
CA ASP B 288 27.65 -20.00 9.07
C ASP B 288 26.93 -19.02 8.16
N LYS B 289 27.60 -17.89 7.99
CA LYS B 289 27.23 -16.79 7.13
C LYS B 289 26.99 -17.09 5.63
N TYR B 290 27.53 -18.20 5.18
CA TYR B 290 27.42 -18.60 3.77
C TYR B 290 26.55 -19.84 3.62
N GLN B 291 25.77 -20.17 4.64
CA GLN B 291 24.81 -21.27 4.71
C GLN B 291 25.42 -22.64 4.76
N ASN B 292 26.71 -22.71 5.10
CA ASN B 292 27.41 -23.99 5.19
C ASN B 292 27.23 -24.72 6.51
N THR B 293 27.09 -26.05 6.50
CA THR B 293 27.04 -26.79 7.74
C THR B 293 28.52 -27.08 8.05
N ASN B 294 28.82 -27.87 9.09
CA ASN B 294 30.20 -28.24 9.37
C ASN B 294 30.75 -29.28 8.39
N ILE B 295 29.92 -29.89 7.52
CA ILE B 295 30.37 -30.89 6.59
C ILE B 295 30.37 -30.13 5.28
N GLU B 296 31.49 -30.44 4.67
CA GLU B 296 31.91 -29.83 3.43
C GLU B 296 31.00 -30.45 2.37
N GLY B 297 30.35 -29.59 1.59
CA GLY B 297 29.41 -30.00 0.57
C GLY B 297 27.98 -30.09 1.09
N ILE B 298 27.63 -29.87 2.39
CA ILE B 298 26.22 -29.85 2.81
C ILE B 298 25.85 -28.44 3.31
N TYR B 299 24.76 -27.89 2.77
CA TYR B 299 24.34 -26.55 3.11
C TYR B 299 22.95 -26.61 3.71
N ALA B 300 22.43 -25.56 4.34
CA ALA B 300 21.04 -25.50 4.82
C ALA B 300 20.59 -24.06 4.80
N VAL B 301 19.38 -23.81 4.27
CA VAL B 301 18.82 -22.47 4.35
C VAL B 301 17.41 -22.59 4.91
N GLY B 302 16.78 -21.45 5.21
CA GLY B 302 15.35 -21.41 5.62
C GLY B 302 15.05 -21.65 7.09
N ASP B 303 13.83 -22.12 7.36
CA ASP B 303 13.38 -22.30 8.72
C ASP B 303 14.12 -23.37 9.46
N ASN B 304 14.65 -24.43 8.83
CA ASN B 304 15.39 -25.41 9.64
C ASN B 304 16.72 -24.89 10.19
N THR B 305 17.14 -23.67 9.83
CA THR B 305 18.41 -23.15 10.34
C THR B 305 18.29 -22.27 11.57
N GLY B 306 17.05 -21.79 11.79
CA GLY B 306 16.75 -20.97 12.95
C GLY B 306 16.77 -19.49 12.63
N ALA B 307 16.98 -19.12 11.39
CA ALA B 307 17.00 -17.74 10.96
C ALA B 307 15.58 -17.18 11.01
N VAL B 308 15.37 -15.90 10.69
CA VAL B 308 14.02 -15.35 10.74
C VAL B 308 13.16 -16.11 9.71
N GLU B 309 12.10 -16.69 10.25
CA GLU B 309 11.27 -17.59 9.48
C GLU B 309 10.38 -16.85 8.52
N LEU B 310 10.86 -16.50 7.31
CA LEU B 310 10.09 -15.73 6.35
C LEU B 310 10.51 -16.28 5.01
N THR B 311 9.51 -16.43 4.13
CA THR B 311 9.69 -16.92 2.79
C THR B 311 10.74 -16.08 2.06
N PRO B 312 10.72 -14.74 1.89
CA PRO B 312 11.67 -13.99 1.07
C PRO B 312 13.11 -14.25 1.48
N VAL B 313 13.33 -14.44 2.78
CA VAL B 313 14.64 -14.74 3.36
C VAL B 313 15.17 -16.12 2.95
N ALA B 314 14.30 -17.13 2.82
CA ALA B 314 14.75 -18.45 2.37
C ALA B 314 15.01 -18.33 0.88
N VAL B 315 14.20 -17.57 0.15
CA VAL B 315 14.42 -17.38 -1.28
C VAL B 315 15.78 -16.69 -1.54
N ALA B 316 16.12 -15.59 -0.85
CA ALA B 316 17.34 -14.83 -1.05
C ALA B 316 18.60 -15.53 -0.54
N ALA B 317 18.55 -16.20 0.61
CA ALA B 317 19.69 -16.94 1.02
C ALA B 317 19.84 -18.17 0.12
N GLY B 318 18.77 -18.86 -0.32
CA GLY B 318 18.90 -20.01 -1.20
C GLY B 318 19.51 -19.61 -2.56
N ARG B 319 19.06 -18.53 -3.13
CA ARG B 319 19.44 -18.03 -4.43
C ARG B 319 20.89 -17.52 -4.43
N ARG B 320 21.26 -16.70 -3.43
CA ARG B 320 22.64 -16.25 -3.23
C ARG B 320 23.60 -17.40 -2.97
N LEU B 321 23.20 -18.51 -2.36
CA LEU B 321 24.00 -19.70 -2.19
C LEU B 321 24.26 -20.29 -3.56
N SER B 322 23.30 -20.35 -4.49
CA SER B 322 23.58 -20.89 -5.82
C SER B 322 24.49 -19.98 -6.65
N GLU B 323 24.37 -18.64 -6.56
CA GLU B 323 25.32 -17.67 -7.09
C GLU B 323 26.74 -17.89 -6.60
N ARG B 324 26.95 -17.94 -5.29
CA ARG B 324 28.24 -18.23 -4.68
C ARG B 324 28.82 -19.54 -5.15
N LEU B 325 28.03 -20.63 -5.18
CA LEU B 325 28.57 -21.92 -5.51
C LEU B 325 28.76 -22.17 -6.97
N PHE B 326 27.86 -21.66 -7.83
CA PHE B 326 27.80 -22.10 -9.19
C PHE B 326 27.86 -20.97 -10.18
N ASN B 327 28.07 -19.72 -9.75
CA ASN B 327 28.19 -18.64 -10.69
C ASN B 327 29.29 -17.68 -10.26
N ASN B 328 30.29 -18.22 -9.57
CA ASN B 328 31.49 -17.46 -9.26
C ASN B 328 31.42 -16.15 -8.51
N LYS B 329 30.54 -16.07 -7.52
CA LYS B 329 30.49 -14.89 -6.71
C LYS B 329 30.82 -15.44 -5.35
N PRO B 330 32.09 -15.76 -5.04
CA PRO B 330 32.48 -16.50 -3.83
C PRO B 330 32.14 -15.91 -2.48
N ASP B 331 31.75 -14.65 -2.46
CA ASP B 331 31.39 -14.02 -1.21
C ASP B 331 29.89 -13.73 -1.08
N GLU B 332 29.03 -14.11 -2.06
CA GLU B 332 27.59 -13.84 -1.98
C GLU B 332 27.05 -14.52 -0.78
N HIS B 333 26.13 -13.82 -0.15
CA HIS B 333 25.56 -14.32 1.10
C HIS B 333 24.50 -13.30 1.47
N LEU B 334 23.46 -13.74 2.16
CA LEU B 334 22.41 -12.85 2.57
C LEU B 334 22.81 -12.01 3.76
N ASP B 335 22.42 -10.74 3.66
CA ASP B 335 22.57 -9.88 4.82
C ASP B 335 21.30 -9.96 5.70
N TYR B 336 21.44 -10.53 6.87
CA TYR B 336 20.25 -10.78 7.69
C TYR B 336 19.80 -9.59 8.49
N SER B 337 20.05 -8.34 8.14
CA SER B 337 19.72 -7.27 9.02
C SER B 337 18.91 -6.31 8.19
N ASN B 338 17.98 -5.71 8.94
CA ASN B 338 17.02 -4.78 8.39
C ASN B 338 16.14 -5.46 7.38
N ILE B 339 15.71 -6.66 7.73
CA ILE B 339 14.78 -7.42 6.88
C ILE B 339 13.36 -6.95 7.20
N PRO B 340 12.56 -6.48 6.29
CA PRO B 340 11.24 -5.97 6.56
C PRO B 340 10.23 -7.10 6.83
N THR B 341 9.22 -6.86 7.69
CA THR B 341 8.14 -7.81 7.93
C THR B 341 6.78 -7.14 7.88
N VAL B 342 5.76 -7.81 7.36
CA VAL B 342 4.41 -7.33 7.49
C VAL B 342 3.62 -8.43 8.22
N VAL B 343 2.91 -8.10 9.31
CA VAL B 343 2.00 -9.06 9.93
C VAL B 343 0.66 -8.70 9.30
N PHE B 344 -0.04 -9.71 8.80
CA PHE B 344 -1.35 -9.52 8.18
C PHE B 344 -2.42 -9.64 9.24
N SER B 345 -2.34 -8.71 10.18
CA SER B 345 -3.29 -8.64 11.23
C SER B 345 -4.37 -7.62 10.87
N HIS B 346 -5.28 -7.36 11.85
CA HIS B 346 -6.29 -6.32 11.70
C HIS B 346 -5.97 -5.25 12.75
N PRO B 347 -5.55 -4.05 12.38
CA PRO B 347 -5.07 -3.70 11.03
C PRO B 347 -3.63 -4.23 10.76
N PRO B 348 -3.06 -4.21 9.55
CA PRO B 348 -1.76 -4.81 9.30
C PRO B 348 -0.59 -4.04 9.90
N ILE B 349 0.45 -4.76 10.25
CA ILE B 349 1.63 -4.23 10.90
C ILE B 349 2.77 -4.28 9.90
N GLY B 350 3.60 -3.27 9.86
CA GLY B 350 4.81 -3.25 9.04
C GLY B 350 5.96 -2.81 9.94
N THR B 351 7.07 -3.51 10.00
CA THR B 351 8.22 -3.14 10.83
C THR B 351 9.52 -3.54 10.11
N VAL B 352 10.56 -2.71 10.27
CA VAL B 352 11.91 -3.00 9.76
C VAL B 352 12.81 -2.17 10.66
N GLY B 353 13.81 -2.84 11.21
CA GLY B 353 14.78 -2.14 12.01
C GLY B 353 14.56 -2.39 13.48
N LEU B 354 15.22 -1.53 14.26
CA LEU B 354 15.20 -1.63 15.69
C LEU B 354 13.89 -1.11 16.25
N THR B 355 13.35 -1.79 17.28
CA THR B 355 12.24 -1.22 18.00
C THR B 355 12.86 -0.08 18.80
N GLU B 356 12.06 0.85 19.30
CA GLU B 356 12.56 1.88 20.16
C GLU B 356 13.31 1.38 21.38
N PRO B 357 12.84 0.41 22.18
CA PRO B 357 13.64 -0.27 23.20
C PRO B 357 14.99 -0.75 22.75
N GLN B 358 15.04 -1.33 21.56
CA GLN B 358 16.31 -1.83 21.08
C GLN B 358 17.20 -0.67 20.83
N ALA B 359 16.74 0.43 20.25
CA ALA B 359 17.61 1.55 19.93
C ALA B 359 18.14 2.27 21.18
N ARG B 360 17.30 2.40 22.21
CA ARG B 360 17.75 3.00 23.44
C ARG B 360 18.74 2.08 24.13
N GLU B 361 18.65 0.75 24.01
CA GLU B 361 19.62 -0.15 24.62
C GLU B 361 20.96 -0.08 23.88
N GLN B 362 20.89 -0.15 22.57
CA GLN B 362 22.08 -0.20 21.77
C GLN B 362 22.79 1.13 21.73
N TYR B 363 22.08 2.24 21.53
CA TYR B 363 22.73 3.51 21.34
C TYR B 363 22.69 4.46 22.54
N GLY B 364 21.83 4.18 23.52
CA GLY B 364 21.68 5.07 24.64
C GLY B 364 20.59 6.10 24.40
N ASP B 365 19.87 6.42 25.49
CA ASP B 365 18.76 7.36 25.47
C ASP B 365 18.99 8.71 24.83
N ASP B 366 20.18 9.29 24.91
CA ASP B 366 20.40 10.65 24.42
C ASP B 366 20.73 10.74 22.94
N GLN B 367 20.93 9.55 22.40
CA GLN B 367 21.20 9.39 21.01
C GLN B 367 19.93 9.06 20.25
N VAL B 368 18.91 8.53 20.93
CA VAL B 368 17.70 8.09 20.26
C VAL B 368 16.63 9.17 20.21
N LYS B 369 16.16 9.48 18.99
CA LYS B 369 15.12 10.46 18.74
C LYS B 369 13.95 9.75 18.06
N VAL B 370 12.74 9.71 18.62
CA VAL B 370 11.61 8.99 18.04
C VAL B 370 10.58 9.97 17.48
N TYR B 371 10.03 9.75 16.29
CA TYR B 371 8.93 10.53 15.75
C TYR B 371 7.74 9.56 15.78
N LYS B 372 6.54 10.06 16.02
CA LYS B 372 5.35 9.26 16.17
C LYS B 372 4.23 10.05 15.53
N SER B 373 3.38 9.38 14.77
CA SER B 373 2.21 10.04 14.25
C SER B 373 1.09 9.09 14.57
N SER B 374 -0.10 9.65 14.81
CA SER B 374 -1.22 8.80 15.11
C SER B 374 -2.37 9.44 14.41
N PHE B 375 -3.24 8.74 13.72
CA PHE B 375 -4.37 9.35 13.07
C PHE B 375 -5.37 8.24 12.82
N THR B 376 -6.49 8.50 12.14
CA THR B 376 -7.54 7.52 11.91
C THR B 376 -7.40 7.15 10.47
N ALA B 377 -7.46 5.87 10.19
CA ALA B 377 -7.35 5.44 8.80
C ALA B 377 -8.53 6.03 8.00
N MET B 378 -8.36 6.67 6.85
CA MET B 378 -9.46 7.39 6.18
C MET B 378 -10.65 6.48 5.78
N TYR B 379 -10.36 5.21 5.57
CA TYR B 379 -11.40 4.25 5.22
C TYR B 379 -12.39 4.08 6.38
N THR B 380 -11.94 4.13 7.64
CA THR B 380 -12.83 3.99 8.78
C THR B 380 -13.41 5.31 9.34
N ALA B 381 -12.75 6.42 8.99
CA ALA B 381 -13.07 7.75 9.45
C ALA B 381 -14.49 8.20 9.17
N VAL B 382 -15.12 7.77 8.08
CA VAL B 382 -16.46 8.26 7.83
C VAL B 382 -17.47 7.23 8.35
N THR B 383 -17.08 6.26 9.21
CA THR B 383 -17.99 5.24 9.73
C THR B 383 -18.09 5.27 11.27
N THR B 384 -18.85 4.37 11.90
CA THR B 384 -18.88 4.33 13.35
C THR B 384 -17.83 3.32 13.86
N HIS B 385 -16.91 2.82 13.03
CA HIS B 385 -15.88 1.87 13.45
C HIS B 385 -14.55 2.49 13.05
N ARG B 386 -14.30 3.68 13.57
CA ARG B 386 -13.08 4.41 13.28
C ARG B 386 -11.90 3.63 13.77
N GLN B 387 -10.74 3.61 13.10
CA GLN B 387 -9.67 2.73 13.53
C GLN B 387 -8.37 3.52 13.45
N PRO B 388 -7.46 3.38 14.42
CA PRO B 388 -6.20 4.13 14.49
C PRO B 388 -5.15 3.65 13.54
N CYS B 389 -4.29 4.52 13.09
CA CYS B 389 -3.05 4.11 12.41
C CYS B 389 -1.96 4.75 13.27
N ARG B 390 -1.06 4.03 13.88
CA ARG B 390 0.03 4.67 14.58
C ARG B 390 1.28 4.31 13.85
N MET B 391 2.16 5.29 13.63
CA MET B 391 3.42 5.12 12.89
C MET B 391 4.58 5.72 13.66
N LYS B 392 5.79 5.18 13.56
CA LYS B 392 6.92 5.64 14.32
C LYS B 392 8.19 5.48 13.53
N LEU B 393 9.03 6.50 13.59
CA LEU B 393 10.36 6.46 13.02
C LEU B 393 11.36 6.50 14.17
N VAL B 394 12.32 5.59 14.31
CA VAL B 394 13.30 5.65 15.41
C VAL B 394 14.57 6.15 14.71
N CYS B 395 15.09 7.30 15.13
CA CYS B 395 16.28 7.95 14.58
C CYS B 395 17.44 7.95 15.58
N VAL B 396 18.69 8.02 15.10
CA VAL B 396 19.84 8.11 15.95
C VAL B 396 20.87 9.15 15.47
N GLY B 397 21.54 9.75 16.47
CA GLY B 397 22.60 10.73 16.29
C GLY B 397 22.12 12.07 15.74
N SER B 398 23.02 13.02 15.51
CA SER B 398 22.68 14.33 14.97
C SER B 398 22.13 14.31 13.55
N GLU B 399 22.66 13.39 12.77
CA GLU B 399 22.26 13.15 11.38
C GLU B 399 20.83 12.61 11.32
N GLU B 400 20.38 12.00 12.43
CA GLU B 400 19.09 11.35 12.50
C GLU B 400 19.01 10.28 11.41
N LYS B 401 19.96 9.36 11.53
CA LYS B 401 20.02 8.21 10.68
C LYS B 401 18.80 7.40 11.15
N ILE B 402 17.90 6.97 10.25
CA ILE B 402 16.69 6.22 10.62
C ILE B 402 17.09 4.78 10.85
N VAL B 403 16.86 4.21 12.03
CA VAL B 403 17.27 2.83 12.27
C VAL B 403 16.07 1.94 12.54
N GLY B 404 14.80 2.40 12.49
CA GLY B 404 13.66 1.52 12.74
C GLY B 404 12.44 2.19 12.15
N ILE B 405 11.53 1.52 11.45
CA ILE B 405 10.33 2.14 10.87
C ILE B 405 9.23 1.14 11.23
N HIS B 406 8.18 1.61 11.91
CA HIS B 406 7.11 0.75 12.40
C HIS B 406 5.77 1.46 12.19
N GLY B 407 4.71 0.73 11.89
CA GLY B 407 3.39 1.27 11.66
C GLY B 407 2.38 0.14 11.85
N ILE B 408 1.16 0.47 12.24
CA ILE B 408 0.07 -0.47 12.37
C ILE B 408 -1.10 0.35 11.86
N GLY B 409 -1.71 -0.04 10.75
CA GLY B 409 -2.78 0.72 10.15
C GLY B 409 -3.07 0.23 8.75
N PHE B 410 -4.29 0.51 8.23
CA PHE B 410 -4.59 0.30 6.83
C PHE B 410 -3.48 0.90 5.98
N GLY B 411 -3.00 0.18 4.96
CA GLY B 411 -1.95 0.70 4.12
C GLY B 411 -0.58 0.10 4.46
N MET B 412 -0.35 -0.36 5.67
CA MET B 412 0.97 -0.83 6.05
C MET B 412 1.59 -1.95 5.27
N ASP B 413 0.75 -2.81 4.71
CA ASP B 413 1.19 -3.99 3.98
C ASP B 413 1.81 -3.62 2.65
N GLU B 414 1.20 -2.74 1.87
CA GLU B 414 1.83 -2.27 0.67
C GLU B 414 2.77 -1.08 0.90
N MET B 415 2.81 -0.32 2.01
CA MET B 415 3.71 0.83 1.98
C MET B 415 5.16 0.55 2.30
N LEU B 416 5.40 -0.49 3.11
CA LEU B 416 6.70 -0.70 3.71
C LEU B 416 7.87 -0.99 2.80
N GLN B 417 7.66 -1.64 1.64
CA GLN B 417 8.75 -2.12 0.80
C GLN B 417 9.71 -1.03 0.39
N GLY B 418 9.13 0.05 -0.11
CA GLY B 418 9.86 1.23 -0.55
C GLY B 418 10.67 1.84 0.56
N PHE B 419 10.06 2.04 1.74
CA PHE B 419 10.79 2.58 2.87
C PHE B 419 11.91 1.69 3.34
N ALA B 420 11.81 0.38 3.09
CA ALA B 420 12.87 -0.49 3.58
C ALA B 420 14.03 -0.45 2.63
N VAL B 421 13.81 -0.03 1.39
CA VAL B 421 14.86 0.07 0.36
C VAL B 421 15.61 1.32 0.78
N ALA B 422 14.88 2.41 1.19
CA ALA B 422 15.53 3.65 1.63
C ALA B 422 16.31 3.44 2.94
N LEU B 423 15.81 2.61 3.85
CA LEU B 423 16.48 2.30 5.10
C LEU B 423 17.78 1.59 4.76
N LYS B 424 17.75 0.64 3.84
CA LYS B 424 18.93 -0.08 3.37
C LYS B 424 19.95 0.90 2.79
N MET B 425 19.46 1.94 2.11
CA MET B 425 20.28 2.99 1.56
C MET B 425 20.79 4.01 2.59
N GLY B 426 20.51 3.81 3.86
CA GLY B 426 20.96 4.69 4.94
C GLY B 426 20.17 5.99 4.94
N ALA B 427 18.84 5.98 4.83
CA ALA B 427 18.14 7.25 4.79
C ALA B 427 18.24 7.94 6.14
N THR B 428 18.20 9.27 6.12
CA THR B 428 18.15 10.02 7.34
C THR B 428 16.78 10.65 7.36
N LYS B 429 16.31 11.22 8.46
CA LYS B 429 15.02 11.87 8.43
C LYS B 429 14.90 12.96 7.35
N LYS B 430 15.91 13.78 7.12
CA LYS B 430 15.88 14.82 6.11
C LYS B 430 15.66 14.19 4.75
N ASP B 431 16.02 12.93 4.48
CA ASP B 431 15.78 12.30 3.18
C ASP B 431 14.30 12.04 2.95
N PHE B 432 13.63 11.54 3.99
CA PHE B 432 12.20 11.41 4.01
C PHE B 432 11.55 12.80 3.85
N ASP B 433 12.01 13.83 4.56
CA ASP B 433 11.38 15.15 4.54
C ASP B 433 11.54 15.88 3.23
N ASN B 434 12.63 15.59 2.54
CA ASN B 434 12.82 16.19 1.24
C ASN B 434 12.05 15.52 0.13
N THR B 435 11.29 14.43 0.32
CA THR B 435 10.47 13.82 -0.74
C THR B 435 9.03 14.36 -0.74
N VAL B 436 8.46 14.85 -1.84
CA VAL B 436 7.09 15.32 -1.87
C VAL B 436 6.08 14.21 -1.50
N ALA B 437 5.08 14.54 -0.67
CA ALA B 437 4.14 13.55 -0.19
C ALA B 437 3.15 13.16 -1.29
N ILE B 438 2.47 12.03 -1.16
CA ILE B 438 1.39 11.74 -2.12
C ILE B 438 0.08 11.83 -1.33
N HIS B 439 -0.83 12.69 -1.69
CA HIS B 439 -2.02 12.91 -0.86
C HIS B 439 -3.24 12.39 -1.62
N PRO B 440 -4.30 11.82 -1.00
CA PRO B 440 -4.34 11.41 0.42
C PRO B 440 -3.89 9.98 0.64
N THR B 441 -2.81 9.67 1.37
CA THR B 441 -2.46 8.25 1.55
C THR B 441 -2.05 8.06 3.00
N ALA B 442 -2.08 6.87 3.61
CA ALA B 442 -1.48 6.70 4.91
C ALA B 442 0.03 6.94 4.78
N ALA B 443 0.62 6.38 3.73
CA ALA B 443 2.06 6.45 3.42
C ALA B 443 2.70 7.79 3.70
N GLU B 444 2.18 8.84 3.08
CA GLU B 444 2.71 10.20 3.19
C GLU B 444 3.01 10.69 4.62
N GLU B 445 2.42 10.07 5.66
CA GLU B 445 2.68 10.39 7.06
C GLU B 445 4.15 10.21 7.40
N PHE B 446 4.82 9.19 6.84
CA PHE B 446 6.19 9.06 7.17
C PHE B 446 7.02 10.15 6.51
N VAL B 447 6.60 10.90 5.50
CA VAL B 447 7.49 11.95 4.99
C VAL B 447 7.11 13.36 5.41
N THR B 448 6.14 13.45 6.34
CA THR B 448 5.68 14.71 6.88
C THR B 448 5.61 14.60 8.40
N MET B 449 6.47 13.81 9.04
CA MET B 449 6.46 13.69 10.49
C MET B 449 7.17 14.86 11.13
N ARG B 450 6.42 15.40 12.06
CA ARG B 450 6.77 16.60 12.79
C ARG B 450 7.28 16.19 14.16
PA FAD C . -6.82 25.62 -3.78
O1A FAD C . -7.77 25.65 -4.92
O2A FAD C . -6.77 24.41 -2.94
O5B FAD C . -7.27 26.76 -2.76
C5B FAD C . -7.35 28.18 -3.23
C4B FAD C . -8.32 28.98 -2.41
O4B FAD C . -8.30 30.31 -2.89
C3B FAD C . -9.78 28.53 -2.54
O3B FAD C . -10.18 28.13 -1.25
C2B FAD C . -10.51 29.83 -2.96
O2B FAD C . -11.76 30.02 -2.27
C1B FAD C . -9.54 30.87 -2.52
N9A FAD C . -9.71 32.11 -3.22
C8A FAD C . -9.59 32.30 -4.55
N7A FAD C . -9.60 33.55 -4.87
C5A FAD C . -9.75 34.27 -3.69
C6A FAD C . -9.82 35.62 -3.38
N6A FAD C . -9.66 36.55 -4.32
N1A FAD C . -10.05 35.98 -2.13
C2A FAD C . -10.08 35.03 -1.19
N3A FAD C . -10.05 33.71 -1.35
C4A FAD C . -9.86 33.36 -2.64
N1 FAD C . -4.29 16.68 -5.72
C2 FAD C . -3.65 15.68 -5.11
O2 FAD C . -2.57 15.88 -4.52
N3 FAD C . -4.23 14.41 -4.98
C4 FAD C . -5.55 14.19 -5.33
O4 FAD C . -6.08 13.11 -5.08
C4X FAD C . -6.26 15.29 -5.93
N5 FAD C . -7.56 15.10 -6.31
C5X FAD C . -8.23 16.11 -6.90
C6 FAD C . -9.56 15.84 -7.29
C7 FAD C . -10.36 16.86 -7.83
C7M FAD C . -11.81 16.55 -8.18
C8 FAD C . -9.79 18.16 -8.09
C8M FAD C . -10.61 19.26 -8.75
C9 FAD C . -8.43 18.39 -7.73
C9A FAD C . -7.66 17.37 -7.10
N10 FAD C . -6.34 17.54 -6.70
C10 FAD C . -5.59 16.51 -6.13
C1' FAD C . -5.67 18.84 -6.89
C2' FAD C . -5.58 19.69 -5.61
O2' FAD C . -6.88 19.71 -5.01
C3' FAD C . -5.08 21.12 -5.92
O3' FAD C . -3.93 21.05 -6.78
C4' FAD C . -4.72 21.94 -4.67
O4' FAD C . -5.83 22.06 -3.79
C5' FAD C . -4.33 23.32 -5.16
O5' FAD C . -3.84 24.19 -4.02
P FAD C . -3.95 25.77 -4.10
O1P FAD C . -3.52 26.29 -2.80
O2P FAD C . -3.17 26.23 -5.31
O3P FAD C . -5.45 26.08 -4.37
PA NAD D . -6.55 17.14 -17.46
O1A NAD D . -5.81 16.22 -16.58
O2A NAD D . -5.86 18.19 -18.25
O5B NAD D . -7.42 16.26 -18.50
C5B NAD D . -8.31 16.91 -19.41
C4B NAD D . -8.67 15.87 -20.46
O4B NAD D . -9.81 16.25 -21.26
C3B NAD D . -7.50 15.71 -21.42
O3B NAD D . -7.30 14.33 -21.73
C2B NAD D . -7.92 16.43 -22.68
O2B NAD D . -7.26 15.83 -23.81
C1B NAD D . -9.41 16.14 -22.63
N9A NAD D . -10.15 17.11 -23.44
C8A NAD D . -9.92 18.42 -23.50
N7A NAD D . -10.87 19.05 -24.18
C5A NAD D . -11.68 18.06 -24.53
C6A NAD D . -12.88 18.17 -25.22
N6A NAD D . -13.24 19.37 -25.71
N1A NAD D . -13.60 17.07 -25.43
C2A NAD D . -13.16 15.86 -25.02
N3A NAD D . -12.00 15.72 -24.38
C4A NAD D . -11.26 16.82 -24.11
O3 NAD D . -7.66 17.88 -16.57
PN NAD D . -8.42 17.57 -15.20
O1N NAD D . -8.54 16.12 -15.01
O2N NAD D . -9.67 18.41 -15.24
O5D NAD D . -7.39 17.99 -14.03
C5D NAD D . -6.63 19.20 -13.94
C4D NAD D . -5.52 18.89 -12.95
O4D NAD D . -5.98 18.62 -11.61
C3D NAD D . -4.72 17.67 -13.39
O3D NAD D . -3.66 17.98 -14.30
C2D NAD D . -4.09 17.20 -12.09
O2D NAD D . -2.77 17.72 -11.93
C1D NAD D . -5.04 17.70 -10.99
N1N NAD D . -5.63 16.54 -10.28
C2N NAD D . -4.84 15.72 -9.44
C3N NAD D . -5.34 14.49 -8.97
C7N NAD D . -4.42 13.46 -8.30
O7N NAD D . -3.21 13.65 -8.18
N7N NAD D . -5.02 12.35 -7.83
C4N NAD D . -6.64 14.13 -9.31
C5N NAD D . -7.46 14.94 -10.08
C6N NAD D . -6.94 16.14 -10.58
PA FAD E . 9.17 -24.89 3.79
O1A FAD E . 8.53 -25.28 5.07
O2A FAD E . 8.50 -23.97 2.88
O5B FAD E . 9.31 -26.24 3.00
C5B FAD E . 10.32 -27.28 3.37
C4B FAD E . 9.93 -28.51 2.59
O4B FAD E . 10.75 -29.59 2.98
C3B FAD E . 8.52 -28.90 2.98
O3B FAD E . 7.69 -28.74 1.83
C2B FAD E . 8.67 -30.35 3.41
O2B FAD E . 7.58 -31.13 2.93
C1B FAD E . 9.96 -30.72 2.76
N9A FAD E . 10.59 -31.85 3.41
C8A FAD E . 10.84 -32.02 4.72
N7A FAD E . 11.51 -33.11 4.96
C5A FAD E . 11.71 -33.70 3.75
C6A FAD E . 12.41 -34.82 3.38
N6A FAD E . 13.15 -35.44 4.30
N1A FAD E . 12.33 -35.23 2.11
C2A FAD E . 11.59 -34.53 1.26
N3A FAD E . 10.97 -33.37 1.46
C4A FAD E . 11.06 -32.98 2.77
N1 FAD E . 6.35 -15.91 5.64
C2 FAD E . 6.31 -14.71 5.03
O2 FAD E . 7.31 -14.23 4.48
N3 FAD E . 5.13 -14.00 4.93
C4 FAD E . 3.90 -14.55 5.35
O4 FAD E . 2.83 -13.96 5.09
C4X FAD E . 3.96 -15.84 6.04
N5 FAD E . 2.82 -16.36 6.62
C5X FAD E . 2.89 -17.57 7.22
C6 FAD E . 1.70 -18.10 7.79
C7 FAD E . 1.73 -19.36 8.40
C7M FAD E . 0.46 -19.92 8.98
C8 FAD E . 2.94 -20.15 8.41
C8M FAD E . 3.02 -21.54 8.97
C9 FAD E . 4.10 -19.59 7.85
C9A FAD E . 4.08 -18.30 7.27
N10 FAD E . 5.24 -17.70 6.78
C10 FAD E . 5.21 -16.47 6.15
C1' FAD E . 6.53 -18.40 7.01
C2' FAD E . 6.97 -19.12 5.75
O2' FAD E . 5.85 -19.84 5.23
C3' FAD E . 8.22 -20.02 5.92
O3' FAD E . 9.22 -19.30 6.62
C4' FAD E . 8.83 -20.51 4.59
O4' FAD E . 7.90 -21.39 3.93
C5' FAD E . 10.08 -21.29 4.92
O5' FAD E . 10.64 -21.95 3.70
P FAD E . 11.63 -23.19 3.82
O1P FAD E . 12.28 -23.28 2.51
O2P FAD E . 12.53 -23.11 5.00
O3P FAD E . 10.68 -24.47 4.12
PA NAD F . 5.74 -17.09 17.57
O1A NAD F . 5.74 -15.94 16.62
O2A NAD F . 6.82 -17.36 18.55
O5B NAD F . 4.41 -17.00 18.49
C5B NAD F . 4.20 -17.88 19.60
C4B NAD F . 3.40 -17.09 20.61
O4B NAD F . 2.69 -17.95 21.49
C3B NAD F . 4.34 -16.25 21.46
O3B NAD F . 3.85 -14.93 21.68
C2B NAD F . 4.48 -17.02 22.75
O2B NAD F . 4.67 -16.05 23.79
C1B NAD F . 3.11 -17.67 22.84
N9A NAD F . 3.15 -18.89 23.65
C8A NAD F . 4.15 -19.79 23.69
N7A NAD F . 3.82 -20.85 24.44
C5A NAD F . 2.60 -20.55 24.85
C6A NAD F . 1.81 -21.32 25.69
N6A NAD F . 2.32 -22.42 26.25
N1A NAD F . 0.59 -20.85 25.98
C2A NAD F . 0.16 -19.67 25.52
N3A NAD F . 0.91 -18.90 24.75
C4A NAD F . 2.13 -19.33 24.39
O3 NAD F . 5.44 -18.37 16.64
PN NAD F . 4.32 -18.57 15.51
O1N NAD F . 3.29 -17.51 15.66
O2N NAD F . 3.91 -20.00 15.56
O5D NAD F . 5.09 -18.27 14.14
C5D NAD F . 6.35 -18.89 13.81
C4D NAD F . 6.93 -18.05 12.67
O4D NAD F . 6.36 -18.24 11.35
C3D NAD F . 6.76 -16.57 12.98
O3D NAD F . 7.61 -16.08 14.03
C2D NAD F . 7.14 -15.97 11.64
O2D NAD F . 8.56 -15.82 11.53
C1D NAD F . 6.58 -16.99 10.65
N1N NAD F . 5.36 -16.37 10.08
C2N NAD F . 5.49 -15.16 9.38
C3N NAD F . 4.35 -14.39 9.11
C7N NAD F . 4.51 -13.03 8.41
O7N NAD F . 5.63 -12.56 8.22
N7N NAD F . 3.40 -12.41 8.04
C4N NAD F . 3.10 -14.85 9.52
C5N NAD F . 2.97 -16.06 10.18
C6N NAD F . 4.09 -16.84 10.47
#